data_8VGY
#
_entry.id   8VGY
#
_cell.length_a   68.608
_cell.length_b   109.197
_cell.length_c   174.632
_cell.angle_alpha   90.000
_cell.angle_beta   90.000
_cell.angle_gamma   90.000
#
_symmetry.space_group_name_H-M   'P 21 21 21'
#
loop_
_entity.id
_entity.type
_entity.pdbx_description
1 polymer 'Apoptosis-inducing factor 1, mitochondrial,Mitochondrial intermembrane space import and assembly protein 40'
2 non-polymer 'FLAVIN-ADENINE DINUCLEOTIDE'
3 non-polymer 1,2-ETHANEDIOL
4 water water
#
_entity_poly.entity_id   1
_entity_poly.type   'polypeptide(L)'
_entity_poly.pdbx_seq_one_letter_code
;MLTPEQKQKKAALSASEGEEVPQDKAPSHVPFLLIGGGTAAFAAARSIRARDPGARVLIVSEDPELPYMRPPLSKELWFS
DDPNVTKTLRFKQANGKERSIYFQPPSFYVSAQDLPHIENGGVAVLTGKKVVQLDVRDNMVKLNDGSQITYEKCLIATGG
TPRSLSAIDRAGAEVKSRTTLFRKIGDFRSLEKISREVKSITIIGGGFLGSELACALGRKARALGTEVIQLFPEKGNMGK
ILPEYLSNWTMEKVRREGVKVMPNAIVQSVGVSSGKLLIKLKDGRKVETDHIVAAVGLEPNVELAKTGGLEIDSDFGGFR
VNAELQARSNIWVAGDAACFYDIKLGRRRVEHHDHAVVSGRLAGENMTGAAKPYWHQSMFWSDLGPDVGYEAIGLVDSSL
PTVGVFAKATAQDNPKSATEQSGTGIRSESETESEASEITIPPSTPAVPQAPVQGEDYGKGVIFYLRDKVVVGIVLWNIF
NRMPIARKIIKDGEQHEDLNEVAKLFNIHEDSGSGPGSGSMSYCRQEGKDRIIFVTKEDHETPSSAELVADDPNDPYEEH
GLILPLEVLFQ
;
_entity_poly.pdbx_strand_id   A,C
#
loop_
_chem_comp.id
_chem_comp.type
_chem_comp.name
_chem_comp.formula
EDO non-polymer 1,2-ETHANEDIOL 'C2 H6 O2'
FAD non-polymer 'FLAVIN-ADENINE DINUCLEOTIDE' 'C27 H33 N9 O15 P2'
#
# COMPACT_ATOMS: atom_id res chain seq x y z
N LYS A 25 -15.32 9.62 33.90
CA LYS A 25 -16.43 10.18 33.15
C LYS A 25 -15.90 11.02 31.99
N ALA A 26 -15.96 10.45 30.78
CA ALA A 26 -15.37 11.10 29.63
C ALA A 26 -16.18 12.32 29.21
N PRO A 27 -15.54 13.32 28.60
CA PRO A 27 -16.30 14.41 27.98
C PRO A 27 -16.97 13.93 26.69
N SER A 28 -18.03 14.64 26.31
CA SER A 28 -18.73 14.29 25.08
C SER A 28 -17.90 14.66 23.85
N HIS A 29 -17.04 15.66 23.97
CA HIS A 29 -16.18 16.09 22.87
C HIS A 29 -14.80 16.44 23.40
N VAL A 30 -13.78 16.09 22.63
CA VAL A 30 -12.39 16.41 23.00
C VAL A 30 -11.61 16.80 21.75
N PRO A 31 -10.73 17.80 21.81
CA PRO A 31 -9.99 18.17 20.59
C PRO A 31 -9.09 17.05 20.07
N PHE A 32 -8.30 16.44 20.94
CA PHE A 32 -7.37 15.38 20.56
C PHE A 32 -7.78 14.09 21.26
N LEU A 33 -8.06 13.05 20.48
CA LEU A 33 -8.44 11.75 21.00
C LEU A 33 -7.38 10.73 20.62
N LEU A 34 -6.80 10.08 21.61
CA LEU A 34 -5.76 9.06 21.42
C LEU A 34 -6.33 7.71 21.84
N ILE A 35 -6.44 6.78 20.88
CA ILE A 35 -7.01 5.46 21.13
C ILE A 35 -5.85 4.51 21.42
N GLY A 36 -5.80 4.01 22.66
CA GLY A 36 -4.70 3.19 23.11
C GLY A 36 -3.85 3.94 24.12
N GLY A 37 -3.53 3.29 25.24
CA GLY A 37 -2.79 3.95 26.29
C GLY A 37 -1.37 3.42 26.46
N GLY A 38 -0.67 3.25 25.34
CA GLY A 38 0.67 2.68 25.37
C GLY A 38 1.76 3.70 25.09
N THR A 39 2.88 3.22 24.55
CA THR A 39 4.04 4.08 24.34
C THR A 39 3.80 5.11 23.24
N ALA A 40 3.18 4.70 22.14
CA ALA A 40 2.93 5.63 21.03
C ALA A 40 1.97 6.73 21.45
N ALA A 41 0.91 6.38 22.18
CA ALA A 41 -0.05 7.38 22.61
C ALA A 41 0.60 8.41 23.54
N PHE A 42 1.41 7.95 24.50
CA PHE A 42 2.04 8.90 25.42
C PHE A 42 2.97 9.84 24.68
N ALA A 43 3.75 9.32 23.73
CA ALA A 43 4.65 10.18 22.97
C ALA A 43 3.87 11.20 22.15
N ALA A 44 2.75 10.78 21.56
CA ALA A 44 1.91 11.72 20.81
C ALA A 44 1.35 12.79 21.74
N ALA A 45 0.89 12.40 22.93
CA ALA A 45 0.35 13.37 23.87
C ALA A 45 1.40 14.40 24.26
N ARG A 46 2.61 13.95 24.59
CA ARG A 46 3.69 14.88 24.92
C ARG A 46 4.02 15.77 23.75
N SER A 47 4.00 15.23 22.54
CA SER A 47 4.34 16.02 21.35
C SER A 47 3.25 17.06 21.07
N ILE A 48 1.98 16.66 21.15
CA ILE A 48 0.89 17.61 20.96
C ILE A 48 1.01 18.76 21.96
N ARG A 49 1.26 18.43 23.22
CA ARG A 49 1.35 19.45 24.25
C ARG A 49 2.54 20.37 24.04
N ALA A 50 3.65 19.84 23.52
CA ALA A 50 4.82 20.67 23.30
C ALA A 50 4.59 21.69 22.19
N ARG A 51 3.81 21.34 21.17
CA ARG A 51 3.53 22.25 20.08
C ARG A 51 2.30 23.10 20.32
N ASP A 52 1.32 22.60 21.07
CA ASP A 52 0.10 23.33 21.41
C ASP A 52 0.00 23.38 22.93
N PRO A 53 0.58 24.40 23.58
CA PRO A 53 0.58 24.43 25.05
C PRO A 53 -0.80 24.42 25.69
N GLY A 54 -1.83 24.84 24.97
CA GLY A 54 -3.19 24.81 25.48
C GLY A 54 -3.97 23.57 25.14
N ALA A 55 -3.33 22.57 24.53
CA ALA A 55 -4.06 21.41 24.02
C ALA A 55 -4.70 20.62 25.14
N ARG A 56 -5.86 20.04 24.85
CA ARG A 56 -6.58 19.15 25.75
C ARG A 56 -6.65 17.79 25.09
N VAL A 57 -5.93 16.82 25.65
CA VAL A 57 -5.73 15.51 25.04
C VAL A 57 -6.33 14.44 25.94
N LEU A 58 -7.12 13.54 25.34
CA LEU A 58 -7.71 12.42 26.05
C LEU A 58 -7.15 11.12 25.50
N ILE A 59 -6.59 10.30 26.39
CA ILE A 59 -6.14 8.95 26.05
C ILE A 59 -7.19 7.97 26.57
N VAL A 60 -7.74 7.15 25.67
CA VAL A 60 -8.70 6.11 26.03
C VAL A 60 -7.94 4.80 26.04
N SER A 61 -7.76 4.22 27.23
CA SER A 61 -6.94 3.03 27.42
C SER A 61 -7.82 1.87 27.85
N GLU A 62 -7.80 0.80 27.04
CA GLU A 62 -8.44 -0.44 27.46
C GLU A 62 -7.82 -0.98 28.73
N ASP A 63 -6.52 -0.78 28.90
CA ASP A 63 -5.77 -1.30 30.04
C ASP A 63 -6.09 -0.48 31.29
N PRO A 64 -6.26 -1.12 32.45
CA PRO A 64 -6.44 -0.35 33.69
C PRO A 64 -5.19 0.38 34.14
N GLU A 65 -4.01 -0.01 33.67
CA GLU A 65 -2.77 0.67 34.04
C GLU A 65 -2.58 1.92 33.20
N LEU A 66 -1.93 2.91 33.80
CA LEU A 66 -1.52 4.09 33.05
C LEU A 66 -0.35 3.75 32.13
N PRO A 67 -0.07 4.61 31.15
CA PRO A 67 0.95 4.26 30.14
C PRO A 67 2.29 3.92 30.76
N TYR A 68 2.91 2.85 30.25
CA TYR A 68 4.18 2.37 30.78
C TYR A 68 4.98 1.74 29.66
N MET A 69 6.31 1.71 29.83
CA MET A 69 7.19 1.10 28.86
C MET A 69 7.31 -0.40 29.13
N ARG A 70 7.39 -1.18 28.05
CA ARG A 70 7.35 -2.63 28.15
C ARG A 70 8.73 -3.30 28.15
N PRO A 71 9.78 -2.71 27.57
CA PRO A 71 11.09 -3.41 27.50
C PRO A 71 11.58 -3.90 28.85
N PRO A 72 11.37 -3.14 29.95
CA PRO A 72 11.84 -3.65 31.25
C PRO A 72 11.20 -4.96 31.67
N LEU A 73 10.04 -5.31 31.13
CA LEU A 73 9.33 -6.50 31.58
C LEU A 73 10.05 -7.80 31.22
N SER A 74 10.95 -7.77 30.24
CA SER A 74 11.69 -8.96 29.83
C SER A 74 13.17 -8.86 30.16
N LYS A 75 13.60 -7.80 30.84
CA LYS A 75 15.02 -7.60 31.12
C LYS A 75 15.25 -7.06 32.52
N GLU A 76 15.30 -5.73 32.66
CA GLU A 76 15.82 -5.13 33.89
C GLU A 76 15.04 -5.59 35.13
N LEU A 77 13.72 -5.74 35.01
CA LEU A 77 12.92 -6.07 36.19
C LEU A 77 13.18 -7.48 36.69
N TRP A 78 13.74 -8.36 35.86
CA TRP A 78 14.13 -9.69 36.32
C TRP A 78 15.49 -9.70 37.01
N PHE A 79 16.29 -8.65 36.83
CA PHE A 79 17.64 -8.59 37.35
C PHE A 79 17.78 -7.62 38.52
N SER A 80 16.67 -7.12 39.04
CA SER A 80 16.73 -6.16 40.14
C SER A 80 17.18 -6.85 41.42
N ASP A 81 17.97 -6.13 42.23
CA ASP A 81 18.35 -6.63 43.53
C ASP A 81 17.21 -6.55 44.54
N ASP A 82 16.20 -5.74 44.27
CA ASP A 82 15.12 -5.54 45.23
C ASP A 82 14.22 -6.77 45.26
N PRO A 83 13.90 -7.32 46.45
CA PRO A 83 12.94 -8.43 46.49
C PRO A 83 11.52 -8.02 46.15
N ASN A 84 11.17 -6.74 46.31
CA ASN A 84 9.83 -6.24 46.01
C ASN A 84 9.78 -5.51 44.68
N VAL A 85 10.69 -5.81 43.76
CA VAL A 85 10.64 -5.18 42.43
C VAL A 85 9.30 -5.47 41.78
N THR A 86 8.70 -6.63 42.08
CA THR A 86 7.43 -6.99 41.48
C THR A 86 6.32 -6.01 41.84
N LYS A 87 6.41 -5.38 43.01
CA LYS A 87 5.42 -4.42 43.46
C LYS A 87 5.80 -2.98 43.14
N THR A 88 7.08 -2.62 43.30
CA THR A 88 7.50 -1.25 42.98
C THR A 88 7.53 -1.01 41.48
N LEU A 89 7.78 -2.04 40.69
CA LEU A 89 7.93 -1.91 39.24
C LEU A 89 8.96 -0.82 38.90
N ARG A 90 10.01 -0.75 39.71
CA ARG A 90 11.13 0.14 39.46
C ARG A 90 12.34 -0.67 39.05
N PHE A 91 13.14 -0.11 38.15
CA PHE A 91 14.35 -0.78 37.67
C PHE A 91 15.47 0.25 37.60
N LYS A 92 16.70 -0.24 37.66
CA LYS A 92 17.87 0.62 37.60
C LYS A 92 18.48 0.54 36.21
N GLN A 93 18.70 1.70 35.60
CA GLN A 93 19.23 1.76 34.25
C GLN A 93 20.72 1.45 34.24
N ALA A 94 21.27 1.31 33.03
CA ALA A 94 22.70 1.01 32.90
C ALA A 94 23.55 2.10 33.55
N ASN A 95 23.06 3.34 33.57
CA ASN A 95 23.78 4.42 34.21
C ASN A 95 23.70 4.36 35.73
N GLY A 96 22.83 3.52 36.29
CA GLY A 96 22.69 3.39 37.72
C GLY A 96 21.54 4.16 38.34
N LYS A 97 20.69 4.79 37.54
CA LYS A 97 19.59 5.61 38.04
C LYS A 97 18.33 4.76 38.07
N GLU A 98 17.73 4.62 39.27
CA GLU A 98 16.47 3.91 39.37
C GLU A 98 15.37 4.71 38.69
N ARG A 99 14.44 4.00 38.05
CA ARG A 99 13.40 4.60 37.23
C ARG A 99 12.13 3.80 37.42
N SER A 100 11.01 4.37 37.00
CA SER A 100 9.73 3.67 36.99
C SER A 100 9.42 3.22 35.56
N ILE A 101 8.73 2.08 35.44
CA ILE A 101 8.32 1.67 34.09
C ILE A 101 7.29 2.66 33.55
N TYR A 102 6.52 3.29 34.43
CA TYR A 102 5.54 4.28 33.98
C TYR A 102 6.25 5.49 33.40
N PHE A 103 5.63 6.08 32.37
CA PHE A 103 6.24 7.22 31.70
C PHE A 103 6.18 8.47 32.56
N GLN A 104 5.11 8.65 33.33
CA GLN A 104 4.88 9.85 34.12
C GLN A 104 4.28 9.45 35.46
N PRO A 105 4.56 10.22 36.52
CA PRO A 105 3.81 10.02 37.76
C PRO A 105 2.33 10.28 37.52
N PRO A 106 1.45 9.57 38.22
CA PRO A 106 0.01 9.81 38.03
C PRO A 106 -0.38 11.27 38.17
N SER A 107 0.33 12.05 38.99
CA SER A 107 -0.06 13.43 39.23
C SER A 107 0.09 14.31 38.00
N PHE A 108 0.97 13.92 37.07
CA PHE A 108 1.19 14.75 35.88
C PHE A 108 -0.03 14.76 34.96
N TYR A 109 -0.89 13.74 35.04
CA TYR A 109 -2.11 13.73 34.25
C TYR A 109 -3.19 14.56 34.95
N VAL A 110 -4.18 14.98 34.15
CA VAL A 110 -5.38 15.59 34.68
C VAL A 110 -6.53 14.60 34.53
N SER A 111 -7.55 14.78 35.36
CA SER A 111 -8.72 13.92 35.30
C SER A 111 -9.55 14.24 34.06
N ALA A 112 -10.28 13.23 33.57
CA ALA A 112 -11.21 13.47 32.47
C ALA A 112 -12.30 14.46 32.87
N GLN A 113 -12.66 14.49 34.15
CA GLN A 113 -13.60 15.49 34.64
C GLN A 113 -13.08 16.89 34.40
N ASP A 114 -11.80 17.13 34.69
CA ASP A 114 -11.22 18.47 34.60
C ASP A 114 -10.69 18.82 33.22
N LEU A 115 -10.48 17.82 32.36
CA LEU A 115 -9.84 18.09 31.07
C LEU A 115 -10.48 19.23 30.30
N PRO A 116 -11.81 19.36 30.22
CA PRO A 116 -12.39 20.44 29.41
C PRO A 116 -12.19 21.82 29.98
N HIS A 117 -11.96 21.94 31.29
CA HIS A 117 -12.04 23.23 31.97
C HIS A 117 -10.73 23.71 32.59
N ILE A 118 -9.81 22.80 32.91
CA ILE A 118 -8.60 23.21 33.63
C ILE A 118 -7.79 24.17 32.77
N GLU A 119 -7.27 25.21 33.40
CA GLU A 119 -6.55 26.25 32.66
C GLU A 119 -5.28 25.68 32.03
N ASN A 120 -5.05 26.01 30.77
CA ASN A 120 -3.88 25.59 30.01
C ASN A 120 -3.91 24.11 29.64
N GLY A 121 -5.07 23.46 29.75
CA GLY A 121 -5.21 22.12 29.24
C GLY A 121 -4.44 21.07 30.03
N GLY A 122 -4.18 19.95 29.36
CA GLY A 122 -3.51 18.83 29.99
C GLY A 122 -3.80 17.55 29.24
N VAL A 123 -3.40 16.45 29.86
CA VAL A 123 -3.58 15.11 29.30
C VAL A 123 -4.31 14.25 30.33
N ALA A 124 -5.42 13.66 29.91
CA ALA A 124 -6.18 12.75 30.75
C ALA A 124 -6.15 11.35 30.15
N VAL A 125 -6.24 10.35 31.02
CA VAL A 125 -6.25 8.95 30.62
C VAL A 125 -7.52 8.32 31.17
N LEU A 126 -8.39 7.88 30.28
CA LEU A 126 -9.60 7.15 30.64
C LEU A 126 -9.25 5.67 30.61
N THR A 127 -9.05 5.09 31.78
CA THR A 127 -8.56 3.72 31.88
C THR A 127 -9.73 2.73 31.94
N GLY A 128 -9.44 1.49 31.57
CA GLY A 128 -10.45 0.46 31.60
C GLY A 128 -11.60 0.68 30.63
N LYS A 129 -11.34 1.37 29.53
CA LYS A 129 -12.37 1.69 28.55
C LYS A 129 -11.84 1.39 27.16
N LYS A 130 -12.59 0.59 26.41
CA LYS A 130 -12.20 0.17 25.08
C LYS A 130 -13.06 0.89 24.05
N VAL A 131 -12.41 1.47 23.05
CA VAL A 131 -13.12 1.98 21.87
C VAL A 131 -13.54 0.79 21.02
N VAL A 132 -14.85 0.66 20.81
CA VAL A 132 -15.39 -0.48 20.07
C VAL A 132 -15.99 -0.08 18.73
N GLN A 133 -16.12 1.21 18.46
CA GLN A 133 -16.75 1.67 17.23
C GLN A 133 -16.13 3.01 16.81
N LEU A 134 -15.84 3.15 15.53
CA LEU A 134 -15.19 4.33 14.98
C LEU A 134 -15.97 4.80 13.76
N ASP A 135 -16.38 6.06 13.78
CA ASP A 135 -17.02 6.71 12.63
C ASP A 135 -16.10 7.82 12.15
N VAL A 136 -15.46 7.59 10.99
CA VAL A 136 -14.49 8.56 10.48
C VAL A 136 -15.17 9.79 9.90
N ARG A 137 -16.37 9.62 9.34
CA ARG A 137 -17.04 10.76 8.70
C ARG A 137 -17.49 11.78 9.73
N ASP A 138 -18.14 11.32 10.79
CA ASP A 138 -18.65 12.20 11.84
C ASP A 138 -17.65 12.42 12.98
N ASN A 139 -16.45 11.85 12.87
CA ASN A 139 -15.39 12.05 13.85
C ASN A 139 -15.87 11.70 15.26
N MET A 140 -16.31 10.46 15.41
CA MET A 140 -16.92 10.02 16.65
C MET A 140 -16.54 8.57 16.92
N VAL A 141 -16.39 8.24 18.20
CA VAL A 141 -16.17 6.87 18.64
C VAL A 141 -17.21 6.52 19.70
N LYS A 142 -17.39 5.22 19.89
CA LYS A 142 -18.25 4.70 20.95
C LYS A 142 -17.44 3.73 21.80
N LEU A 143 -17.62 3.82 23.12
CA LEU A 143 -16.87 2.99 24.06
C LEU A 143 -17.67 1.73 24.41
N ASN A 144 -16.99 0.80 25.09
CA ASN A 144 -17.62 -0.45 25.47
C ASN A 144 -18.78 -0.26 26.45
N ASP A 145 -18.87 0.91 27.08
CA ASP A 145 -19.96 1.19 28.01
C ASP A 145 -21.07 2.03 27.38
N GLY A 146 -21.01 2.28 26.08
CA GLY A 146 -22.02 3.04 25.37
C GLY A 146 -21.72 4.51 25.21
N SER A 147 -20.76 5.05 25.96
CA SER A 147 -20.41 6.46 25.82
C SER A 147 -19.98 6.76 24.39
N GLN A 148 -20.22 8.00 23.97
CA GLN A 148 -19.81 8.47 22.66
C GLN A 148 -18.98 9.72 22.81
N ILE A 149 -17.84 9.76 22.13
CA ILE A 149 -16.91 10.89 22.16
C ILE A 149 -16.69 11.37 20.74
N THR A 150 -16.86 12.66 20.51
CA THR A 150 -16.47 13.28 19.25
C THR A 150 -15.10 13.92 19.41
N TYR A 151 -14.36 13.96 18.31
CA TYR A 151 -13.00 14.49 18.32
C TYR A 151 -12.81 15.42 17.13
N GLU A 152 -11.74 16.22 17.22
CA GLU A 152 -11.25 16.99 16.09
C GLU A 152 -10.09 16.31 15.38
N LYS A 153 -9.16 15.76 16.15
CA LYS A 153 -8.05 14.96 15.63
C LYS A 153 -8.00 13.66 16.43
N CYS A 154 -7.74 12.55 15.73
CA CYS A 154 -7.71 11.24 16.37
C CYS A 154 -6.45 10.49 15.97
N LEU A 155 -5.84 9.83 16.95
CA LEU A 155 -4.71 8.94 16.74
C LEU A 155 -5.10 7.53 17.14
N ILE A 156 -4.88 6.59 16.24
CA ILE A 156 -5.02 5.16 16.55
C ILE A 156 -3.64 4.64 16.95
N ALA A 157 -3.52 4.21 18.20
CA ALA A 157 -2.27 3.66 18.72
C ALA A 157 -2.57 2.41 19.54
N THR A 158 -3.24 1.45 18.90
CA THR A 158 -3.77 0.27 19.58
C THR A 158 -2.75 -0.85 19.71
N GLY A 159 -1.56 -0.70 19.13
CA GLY A 159 -0.55 -1.74 19.26
C GLY A 159 -1.03 -3.06 18.72
N GLY A 160 -0.68 -4.15 19.42
CA GLY A 160 -1.06 -5.48 19.00
C GLY A 160 -1.29 -6.37 20.20
N THR A 161 -1.79 -7.57 19.90
CA THR A 161 -2.02 -8.59 20.92
C THR A 161 -1.23 -9.85 20.58
N PRO A 162 -0.59 -10.49 21.56
CA PRO A 162 0.26 -11.64 21.25
C PRO A 162 -0.50 -12.72 20.48
N ARG A 163 0.15 -13.24 19.45
CA ARG A 163 -0.42 -14.35 18.70
C ARG A 163 -0.35 -15.64 19.51
N SER A 164 -1.18 -16.59 19.13
CA SER A 164 -1.21 -17.92 19.73
C SER A 164 -0.85 -18.97 18.68
N LEU A 165 -0.56 -20.17 19.17
CA LEU A 165 -0.30 -21.31 18.30
C LEU A 165 -1.58 -22.12 18.11
N SER A 166 -1.72 -22.67 16.91
CA SER A 166 -2.88 -23.52 16.63
C SER A 166 -2.90 -24.73 17.57
N ALA A 167 -1.74 -25.32 17.83
CA ALA A 167 -1.68 -26.48 18.71
C ALA A 167 -2.13 -26.14 20.13
N ILE A 168 -1.92 -24.89 20.56
CA ILE A 168 -2.36 -24.48 21.88
C ILE A 168 -3.87 -24.30 21.90
N ASP A 169 -4.45 -23.80 20.81
CA ASP A 169 -5.88 -23.53 20.78
C ASP A 169 -6.69 -24.83 20.72
N ARG A 170 -6.11 -25.89 20.18
CA ARG A 170 -6.77 -27.20 20.14
C ARG A 170 -6.60 -28.00 21.42
N ALA A 171 -5.69 -27.60 22.30
CA ALA A 171 -5.33 -28.42 23.45
C ALA A 171 -6.37 -28.36 24.58
N GLY A 172 -7.25 -27.38 24.57
CA GLY A 172 -8.30 -27.31 25.56
C GLY A 172 -7.95 -26.37 26.70
N ALA A 173 -8.81 -26.42 27.73
CA ALA A 173 -8.73 -25.44 28.82
C ALA A 173 -7.49 -25.66 29.68
N GLU A 174 -7.17 -26.92 29.99
CA GLU A 174 -6.05 -27.19 30.89
C GLU A 174 -4.75 -26.62 30.33
N VAL A 175 -4.45 -26.93 29.07
CA VAL A 175 -3.21 -26.43 28.46
C VAL A 175 -3.25 -24.92 28.33
N LYS A 176 -4.39 -24.37 27.88
CA LYS A 176 -4.47 -22.93 27.66
C LYS A 176 -4.25 -22.15 28.95
N SER A 177 -4.68 -22.70 30.09
CA SER A 177 -4.48 -22.03 31.36
C SER A 177 -3.02 -22.09 31.83
N ARG A 178 -2.24 -23.03 31.30
CA ARG A 178 -0.83 -23.17 31.64
C ARG A 178 0.07 -22.58 30.56
N THR A 179 -0.47 -21.75 29.68
CA THR A 179 0.28 -21.11 28.61
C THR A 179 0.20 -19.61 28.77
N THR A 180 1.36 -18.95 28.81
CA THR A 180 1.45 -17.52 29.06
C THR A 180 1.72 -16.78 27.76
N LEU A 181 0.96 -15.71 27.52
CA LEU A 181 1.24 -14.75 26.47
C LEU A 181 1.75 -13.47 27.14
N PHE A 182 2.99 -13.11 26.84
CA PHE A 182 3.74 -12.13 27.63
C PHE A 182 3.70 -10.76 26.97
N ARG A 183 3.14 -9.77 27.66
CA ARG A 183 3.10 -8.42 27.13
C ARG A 183 2.87 -7.35 28.19
N LYS A 184 2.15 -7.69 29.26
CA LYS A 184 1.67 -6.73 30.24
C LYS A 184 2.39 -6.88 31.56
N ILE A 185 2.23 -5.87 32.43
CA ILE A 185 2.71 -5.95 33.80
C ILE A 185 2.22 -7.24 34.45
N GLY A 186 0.92 -7.53 34.29
CA GLY A 186 0.37 -8.73 34.90
C GLY A 186 1.07 -10.00 34.44
N ASP A 187 1.44 -10.05 33.16
CA ASP A 187 2.15 -11.22 32.65
C ASP A 187 3.50 -11.39 33.34
N PHE A 188 4.20 -10.28 33.58
CA PHE A 188 5.48 -10.36 34.29
C PHE A 188 5.29 -10.87 35.71
N ARG A 189 4.21 -10.45 36.38
CA ARG A 189 4.00 -10.86 37.76
C ARG A 189 3.64 -12.33 37.86
N SER A 190 2.83 -12.83 36.93
CA SER A 190 2.43 -14.24 36.99
C SER A 190 3.59 -15.15 36.61
N LEU A 191 4.34 -14.80 35.56
CA LEU A 191 5.47 -15.63 35.16
C LEU A 191 6.56 -15.62 36.23
N GLU A 192 6.80 -14.46 36.85
CA GLU A 192 7.77 -14.40 37.93
C GLU A 192 7.36 -15.32 39.08
N LYS A 193 6.06 -15.41 39.37
CA LYS A 193 5.61 -16.33 40.39
C LYS A 193 5.83 -17.78 39.96
N ILE A 194 5.45 -18.11 38.73
CA ILE A 194 5.63 -19.48 38.23
C ILE A 194 7.10 -19.86 38.26
N SER A 195 7.99 -18.94 37.91
CA SER A 195 9.41 -19.25 37.88
C SER A 195 9.93 -19.68 39.25
N ARG A 196 9.28 -19.27 40.33
CA ARG A 196 9.68 -19.61 41.68
C ARG A 196 8.99 -20.85 42.22
N GLU A 197 8.02 -21.43 41.48
CA GLU A 197 7.20 -22.50 42.04
C GLU A 197 7.06 -23.70 41.11
N VAL A 198 7.77 -23.75 39.98
CA VAL A 198 7.75 -24.90 39.08
C VAL A 198 9.18 -25.28 38.76
N LYS A 199 9.32 -26.45 38.12
CA LYS A 199 10.63 -27.04 37.84
C LYS A 199 11.07 -26.91 36.39
N SER A 200 10.13 -26.79 35.46
CA SER A 200 10.46 -26.69 34.04
C SER A 200 9.57 -25.66 33.38
N ILE A 201 10.18 -24.75 32.62
CA ILE A 201 9.46 -23.76 31.82
C ILE A 201 9.97 -23.86 30.40
N THR A 202 9.04 -23.92 29.44
CA THR A 202 9.37 -24.03 28.03
C THR A 202 8.90 -22.78 27.30
N ILE A 203 9.82 -22.15 26.58
CA ILE A 203 9.53 -20.97 25.77
C ILE A 203 9.42 -21.39 24.31
N ILE A 204 8.32 -21.02 23.67
CA ILE A 204 8.12 -21.28 22.25
C ILE A 204 8.26 -19.95 21.53
N GLY A 205 9.30 -19.85 20.70
CA GLY A 205 9.61 -18.61 20.01
C GLY A 205 11.10 -18.32 20.04
N GLY A 206 11.66 -17.90 18.91
CA GLY A 206 13.08 -17.66 18.81
C GLY A 206 13.44 -16.21 18.60
N GLY A 207 12.43 -15.34 18.54
CA GLY A 207 12.66 -13.92 18.34
C GLY A 207 13.20 -13.23 19.58
N PHE A 208 13.12 -11.90 19.60
CA PHE A 208 13.71 -11.14 20.70
C PHE A 208 13.01 -11.44 22.03
N LEU A 209 11.70 -11.60 22.00
CA LEU A 209 10.96 -11.81 23.25
C LEU A 209 11.26 -13.18 23.84
N GLY A 210 11.10 -14.23 23.04
CA GLY A 210 11.42 -15.57 23.51
C GLY A 210 12.86 -15.68 23.99
N SER A 211 13.78 -15.03 23.27
CA SER A 211 15.19 -15.13 23.64
C SER A 211 15.49 -14.34 24.91
N GLU A 212 14.90 -13.15 25.06
CA GLU A 212 15.16 -12.35 26.26
C GLU A 212 14.60 -13.03 27.51
N LEU A 213 13.40 -13.61 27.42
CA LEU A 213 12.82 -14.30 28.58
C LEU A 213 13.61 -15.56 28.91
N ALA A 214 14.09 -16.27 27.89
CA ALA A 214 14.89 -17.46 28.15
C ALA A 214 16.15 -17.12 28.94
N CYS A 215 16.82 -16.02 28.57
CA CYS A 215 18.01 -15.61 29.30
C CYS A 215 17.67 -15.17 30.72
N ALA A 216 16.55 -14.45 30.88
CA ALA A 216 16.13 -14.04 32.22
C ALA A 216 15.75 -15.23 33.07
N LEU A 217 14.86 -16.09 32.56
CA LEU A 217 14.49 -17.29 33.31
C LEU A 217 15.69 -18.19 33.52
N GLY A 218 16.52 -18.37 32.50
CA GLY A 218 17.70 -19.18 32.66
C GLY A 218 18.60 -18.69 33.79
N ARG A 219 18.66 -17.36 33.97
CA ARG A 219 19.49 -16.80 35.03
C ARG A 219 18.83 -16.98 36.40
N LYS A 220 17.51 -16.83 36.48
CA LYS A 220 16.81 -17.11 37.73
C LYS A 220 16.98 -18.57 38.13
N ALA A 221 17.04 -19.48 37.15
CA ALA A 221 17.07 -20.91 37.43
C ALA A 221 18.46 -21.42 37.83
N ARG A 222 19.52 -20.66 37.52
CA ARG A 222 20.86 -21.13 37.85
C ARG A 222 21.00 -21.41 39.35
N ALA A 223 20.34 -20.59 40.18
CA ALA A 223 20.44 -20.79 41.62
C ALA A 223 19.80 -22.10 42.06
N LEU A 224 18.52 -22.29 41.74
CA LEU A 224 17.79 -23.47 42.17
C LEU A 224 17.99 -24.66 41.23
N GLY A 225 18.77 -24.51 40.16
CA GLY A 225 19.02 -25.62 39.26
C GLY A 225 17.81 -26.10 38.49
N THR A 226 16.79 -25.26 38.33
CA THR A 226 15.61 -25.65 37.58
C THR A 226 15.89 -25.58 36.08
N GLU A 227 14.92 -26.04 35.29
CA GLU A 227 15.08 -26.22 33.85
C GLU A 227 14.40 -25.10 33.08
N VAL A 228 15.01 -24.69 31.99
CA VAL A 228 14.45 -23.71 31.06
C VAL A 228 14.71 -24.19 29.65
N ILE A 229 13.65 -24.27 28.85
CA ILE A 229 13.73 -24.79 27.48
C ILE A 229 13.22 -23.72 26.52
N GLN A 230 13.89 -23.60 25.38
CA GLN A 230 13.45 -22.72 24.30
C GLN A 230 13.52 -23.50 23.00
N LEU A 231 12.44 -23.44 22.22
CA LEU A 231 12.37 -24.14 20.94
C LEU A 231 11.69 -23.24 19.92
N PHE A 232 12.13 -23.37 18.66
CA PHE A 232 11.66 -22.50 17.60
C PHE A 232 12.00 -23.16 16.27
N PRO A 233 11.31 -22.76 15.18
CA PRO A 233 11.54 -23.43 13.89
C PRO A 233 12.87 -23.07 13.24
N GLU A 234 13.39 -21.87 13.49
CA GLU A 234 14.58 -21.41 12.79
C GLU A 234 15.80 -22.22 13.22
N LYS A 235 16.91 -22.01 12.49
CA LYS A 235 18.15 -22.71 12.80
C LYS A 235 18.81 -22.19 14.07
N GLY A 236 18.47 -20.97 14.49
CA GLY A 236 19.07 -20.41 15.69
C GLY A 236 18.29 -19.18 16.13
N ASN A 237 18.62 -18.71 17.33
CA ASN A 237 17.96 -17.55 17.89
C ASN A 237 18.10 -16.35 16.96
N MET A 238 17.08 -15.49 16.96
CA MET A 238 17.08 -14.28 16.16
C MET A 238 17.32 -14.58 14.69
N GLY A 239 16.85 -15.75 14.24
CA GLY A 239 17.13 -16.19 12.89
C GLY A 239 16.52 -15.33 11.79
N LYS A 240 15.46 -14.58 12.12
CA LYS A 240 14.81 -13.75 11.12
C LYS A 240 15.52 -12.42 10.89
N ILE A 241 16.44 -12.01 11.77
CA ILE A 241 17.05 -10.70 11.67
C ILE A 241 18.57 -10.80 11.53
N LEU A 242 19.17 -11.84 12.16
CA LEU A 242 20.63 -11.95 12.15
C LEU A 242 21.09 -12.94 11.09
N PRO A 243 22.27 -12.71 10.49
CA PRO A 243 22.81 -13.72 9.56
C PRO A 243 23.01 -15.05 10.27
N GLU A 244 22.98 -16.13 9.49
CA GLU A 244 22.96 -17.47 10.06
C GLU A 244 24.15 -17.67 11.01
N TYR A 245 25.34 -17.24 10.60
CA TYR A 245 26.52 -17.48 11.44
C TYR A 245 26.41 -16.75 12.76
N LEU A 246 25.85 -15.53 12.77
CA LEU A 246 25.69 -14.79 14.01
C LEU A 246 24.53 -15.32 14.83
N SER A 247 23.47 -15.79 14.16
CA SER A 247 22.39 -16.47 14.86
C SER A 247 22.90 -17.69 15.62
N ASN A 248 23.80 -18.46 15.01
CA ASN A 248 24.34 -19.64 15.66
C ASN A 248 25.22 -19.25 16.85
N TRP A 249 26.11 -18.29 16.65
CA TRP A 249 26.92 -17.78 17.77
C TRP A 249 26.03 -17.30 18.90
N THR A 250 24.93 -16.63 18.57
CA THR A 250 24.00 -16.15 19.60
C THR A 250 23.34 -17.31 20.32
N MET A 251 22.94 -18.34 19.59
CA MET A 251 22.30 -19.49 20.22
C MET A 251 23.22 -20.11 21.27
N GLU A 252 24.51 -20.23 20.96
CA GLU A 252 25.45 -20.76 21.95
C GLU A 252 25.53 -19.86 23.18
N LYS A 253 25.40 -18.55 23.00
CA LYS A 253 25.40 -17.64 24.14
C LYS A 253 24.17 -17.86 25.01
N VAL A 254 23.00 -17.99 24.39
CA VAL A 254 21.79 -18.27 25.15
C VAL A 254 21.91 -19.59 25.88
N ARG A 255 22.42 -20.62 25.20
CA ARG A 255 22.64 -21.91 25.85
C ARG A 255 23.53 -21.76 27.08
N ARG A 256 24.50 -20.84 27.02
CA ARG A 256 25.42 -20.65 28.14
C ARG A 256 24.77 -19.90 29.30
N GLU A 257 23.58 -19.35 29.12
CA GLU A 257 22.82 -18.77 30.21
C GLU A 257 21.94 -19.78 30.92
N GLY A 258 22.10 -21.07 30.63
CA GLY A 258 21.37 -22.12 31.32
C GLY A 258 20.07 -22.49 30.64
N VAL A 259 20.05 -22.44 29.31
CA VAL A 259 18.85 -22.69 28.52
C VAL A 259 19.11 -23.86 27.59
N LYS A 260 18.15 -24.79 27.52
CA LYS A 260 18.19 -25.89 26.58
C LYS A 260 17.49 -25.43 25.31
N VAL A 261 18.27 -25.06 24.30
CA VAL A 261 17.73 -24.52 23.05
C VAL A 261 17.54 -25.64 22.05
N MET A 262 16.35 -25.69 21.44
CA MET A 262 15.99 -26.73 20.48
C MET A 262 15.63 -26.06 19.16
N PRO A 263 16.59 -25.87 18.27
CA PRO A 263 16.29 -25.29 16.95
C PRO A 263 15.58 -26.30 16.06
N ASN A 264 15.11 -25.81 14.92
CA ASN A 264 14.48 -26.65 13.90
C ASN A 264 13.27 -27.40 14.47
N ALA A 265 12.51 -26.72 15.33
CA ALA A 265 11.42 -27.32 16.08
C ALA A 265 10.10 -26.73 15.61
N ILE A 266 9.21 -27.59 15.11
CA ILE A 266 7.87 -27.22 14.69
C ILE A 266 6.89 -27.97 15.57
N VAL A 267 6.08 -27.23 16.33
CA VAL A 267 5.17 -27.84 17.30
C VAL A 267 4.00 -28.47 16.57
N GLN A 268 3.83 -29.78 16.74
CA GLN A 268 2.74 -30.50 16.10
C GLN A 268 1.51 -30.63 16.99
N SER A 269 1.70 -30.82 18.29
CA SER A 269 0.58 -30.94 19.21
C SER A 269 1.07 -30.70 20.63
N VAL A 270 0.15 -30.27 21.48
CA VAL A 270 0.42 -30.04 22.89
C VAL A 270 -0.73 -30.62 23.71
N GLY A 271 -0.38 -31.26 24.83
CA GLY A 271 -1.38 -31.82 25.71
C GLY A 271 -0.82 -31.99 27.10
N VAL A 272 -1.71 -32.29 28.05
CA VAL A 272 -1.33 -32.51 29.43
C VAL A 272 -1.27 -34.01 29.67
N SER A 273 -0.22 -34.46 30.36
CA SER A 273 0.03 -35.88 30.58
C SER A 273 0.56 -36.06 31.99
N SER A 274 -0.27 -36.62 32.87
CA SER A 274 0.14 -36.94 34.25
C SER A 274 0.55 -35.67 34.99
N GLY A 275 -0.24 -34.61 34.84
CA GLY A 275 0.02 -33.36 35.51
C GLY A 275 1.14 -32.53 34.91
N LYS A 276 1.58 -32.85 33.69
CA LYS A 276 2.69 -32.15 33.08
C LYS A 276 2.39 -31.93 31.60
N LEU A 277 2.72 -30.74 31.11
CA LEU A 277 2.50 -30.41 29.70
C LEU A 277 3.51 -31.15 28.83
N LEU A 278 3.02 -31.76 27.76
CA LEU A 278 3.86 -32.54 26.85
C LEU A 278 3.72 -31.98 25.45
N ILE A 279 4.83 -31.47 24.91
CA ILE A 279 4.86 -30.88 23.57
C ILE A 279 5.43 -31.90 22.60
N LYS A 280 4.77 -32.06 21.46
CA LYS A 280 5.19 -32.99 20.43
C LYS A 280 5.55 -32.22 19.17
N LEU A 281 6.75 -32.46 18.65
CA LEU A 281 7.24 -31.78 17.47
C LEU A 281 7.10 -32.67 16.24
N LYS A 282 6.96 -32.02 15.07
CA LYS A 282 6.97 -32.76 13.82
C LYS A 282 8.26 -33.56 13.67
N ASP A 283 9.35 -33.09 14.27
CA ASP A 283 10.60 -33.82 14.24
C ASP A 283 10.46 -35.21 14.83
N GLY A 284 9.48 -35.42 15.72
CA GLY A 284 9.35 -36.62 16.49
C GLY A 284 9.81 -36.48 17.94
N ARG A 285 10.68 -35.51 18.21
CA ARG A 285 11.10 -35.23 19.57
C ARG A 285 9.90 -34.85 20.43
N LYS A 286 10.08 -34.92 21.74
CA LYS A 286 9.04 -34.59 22.70
C LYS A 286 9.64 -33.83 23.86
N VAL A 287 8.91 -32.84 24.36
CA VAL A 287 9.32 -32.04 25.51
C VAL A 287 8.25 -32.15 26.57
N GLU A 288 8.66 -32.46 27.81
CA GLU A 288 7.79 -32.45 28.97
C GLU A 288 8.15 -31.26 29.84
N THR A 289 7.15 -30.48 30.25
CA THR A 289 7.41 -29.23 30.93
C THR A 289 6.23 -28.91 31.84
N ASP A 290 6.46 -27.98 32.78
CA ASP A 290 5.44 -27.58 33.74
C ASP A 290 4.68 -26.34 33.32
N HIS A 291 5.20 -25.55 32.37
CA HIS A 291 4.54 -24.33 31.95
C HIS A 291 5.12 -23.90 30.62
N ILE A 292 4.28 -23.30 29.78
CA ILE A 292 4.65 -22.86 28.45
C ILE A 292 4.53 -21.34 28.37
N VAL A 293 5.50 -20.72 27.71
CA VAL A 293 5.47 -19.30 27.39
C VAL A 293 5.55 -19.18 25.88
N ALA A 294 4.49 -18.68 25.26
CA ALA A 294 4.38 -18.62 23.80
C ALA A 294 4.69 -17.20 23.34
N ALA A 295 5.84 -17.02 22.69
CA ALA A 295 6.26 -15.75 22.12
C ALA A 295 6.44 -15.96 20.62
N VAL A 296 5.32 -16.03 19.90
CA VAL A 296 5.33 -16.44 18.50
C VAL A 296 4.74 -15.34 17.61
N GLY A 297 5.04 -14.08 17.93
CA GLY A 297 4.66 -12.97 17.07
C GLY A 297 3.51 -12.18 17.65
N LEU A 298 3.15 -11.12 16.92
CA LEU A 298 2.17 -10.15 17.38
C LEU A 298 1.09 -9.98 16.31
N GLU A 299 -0.15 -9.83 16.76
CA GLU A 299 -1.28 -9.56 15.87
C GLU A 299 -1.69 -8.11 16.02
N PRO A 300 -1.44 -7.25 15.03
CA PRO A 300 -1.89 -5.85 15.15
C PRO A 300 -3.37 -5.75 15.44
N ASN A 301 -3.72 -4.83 16.34
CA ASN A 301 -5.11 -4.65 16.78
C ASN A 301 -5.82 -3.74 15.80
N VAL A 302 -6.42 -4.34 14.78
CA VAL A 302 -7.05 -3.60 13.69
C VAL A 302 -8.57 -3.77 13.70
N GLU A 303 -9.16 -4.10 14.86
CA GLU A 303 -10.60 -4.32 14.93
C GLU A 303 -11.38 -3.09 14.49
N LEU A 304 -10.85 -1.89 14.75
CA LEU A 304 -11.60 -0.68 14.45
C LEU A 304 -11.62 -0.36 12.96
N ALA A 305 -10.86 -1.09 12.13
CA ALA A 305 -10.89 -0.84 10.70
C ALA A 305 -12.22 -1.24 10.08
N LYS A 306 -12.92 -2.21 10.68
CA LYS A 306 -14.20 -2.64 10.12
C LYS A 306 -15.23 -1.53 10.18
N THR A 307 -15.53 -1.03 11.38
CA THR A 307 -16.49 0.06 11.51
C THR A 307 -15.98 1.33 10.84
N GLY A 308 -14.69 1.63 10.97
CA GLY A 308 -14.12 2.84 10.42
C GLY A 308 -13.93 2.84 8.92
N GLY A 309 -14.06 1.68 8.27
CA GLY A 309 -13.79 1.62 6.84
C GLY A 309 -12.35 1.91 6.50
N LEU A 310 -11.42 1.60 7.40
CA LEU A 310 -10.01 1.88 7.19
C LEU A 310 -9.32 0.69 6.54
N GLU A 311 -8.33 0.98 5.70
CA GLU A 311 -7.63 -0.05 4.96
C GLU A 311 -6.59 -0.74 5.82
N ILE A 312 -6.50 -2.06 5.68
CA ILE A 312 -5.50 -2.88 6.35
C ILE A 312 -4.50 -3.35 5.30
N ASP A 313 -3.23 -3.43 5.69
CA ASP A 313 -2.19 -3.88 4.77
C ASP A 313 -2.14 -5.39 4.72
N SER A 314 -2.25 -5.94 3.51
CA SER A 314 -2.28 -7.39 3.34
C SER A 314 -0.91 -8.03 3.52
N ASP A 315 0.16 -7.33 3.17
CA ASP A 315 1.49 -7.93 3.23
C ASP A 315 2.10 -7.80 4.62
N PHE A 316 1.96 -6.63 5.25
CA PHE A 316 2.61 -6.38 6.53
C PHE A 316 1.67 -6.44 7.72
N GLY A 317 0.36 -6.32 7.50
CA GLY A 317 -0.59 -6.17 8.59
C GLY A 317 -0.68 -4.73 9.07
N GLY A 318 -1.71 -4.47 9.88
CA GLY A 318 -1.89 -3.16 10.46
C GLY A 318 -2.64 -2.20 9.54
N PHE A 319 -2.91 -1.02 10.08
CA PHE A 319 -3.54 0.04 9.31
C PHE A 319 -2.56 0.61 8.29
N ARG A 320 -2.99 0.72 7.04
CA ARG A 320 -2.16 1.31 6.01
C ARG A 320 -2.26 2.83 6.09
N VAL A 321 -1.13 3.49 6.34
CA VAL A 321 -1.03 4.95 6.40
C VAL A 321 0.10 5.39 5.49
N ASN A 322 0.14 6.69 5.21
CA ASN A 322 1.14 7.25 4.31
C ASN A 322 2.40 7.65 5.10
N ALA A 323 3.28 8.42 4.46
CA ALA A 323 4.54 8.80 5.10
C ALA A 323 4.32 9.71 6.30
N GLU A 324 3.22 10.46 6.31
CA GLU A 324 2.87 11.32 7.43
C GLU A 324 2.08 10.58 8.50
N LEU A 325 1.97 9.25 8.38
CA LEU A 325 1.23 8.41 9.32
C LEU A 325 -0.27 8.71 9.30
N GLN A 326 -0.77 9.29 8.23
CA GLN A 326 -2.18 9.65 8.12
C GLN A 326 -2.93 8.56 7.34
N ALA A 327 -4.09 8.18 7.85
CA ALA A 327 -4.97 7.24 7.19
C ALA A 327 -6.09 7.94 6.42
N ARG A 328 -6.83 8.82 7.08
CA ARG A 328 -7.88 9.62 6.48
C ARG A 328 -7.78 11.02 7.08
N SER A 329 -8.62 11.92 6.59
CA SER A 329 -8.68 13.26 7.16
C SER A 329 -8.95 13.17 8.66
N ASN A 330 -8.08 13.79 9.44
CA ASN A 330 -8.22 13.97 10.89
C ASN A 330 -7.97 12.70 11.68
N ILE A 331 -7.42 11.65 11.07
CA ILE A 331 -7.15 10.39 11.78
C ILE A 331 -5.78 9.88 11.35
N TRP A 332 -4.91 9.65 12.33
CA TRP A 332 -3.57 9.12 12.11
C TRP A 332 -3.40 7.80 12.85
N VAL A 333 -2.32 7.08 12.54
CA VAL A 333 -1.99 5.83 13.19
C VAL A 333 -0.50 5.82 13.50
N ALA A 334 -0.14 5.26 14.66
CA ALA A 334 1.25 5.18 15.08
C ALA A 334 1.49 3.88 15.84
N GLY A 335 2.77 3.53 15.97
CA GLY A 335 3.16 2.39 16.77
C GLY A 335 3.16 1.05 16.04
N ASP A 336 2.99 -0.04 16.80
CA ASP A 336 3.01 -1.37 16.22
C ASP A 336 1.91 -1.56 15.20
N ALA A 337 0.81 -0.83 15.33
CA ALA A 337 -0.35 -1.04 14.47
C ALA A 337 -0.24 -0.32 13.13
N ALA A 338 0.80 0.48 12.92
CA ALA A 338 0.87 1.38 11.77
C ALA A 338 1.79 0.78 10.70
N CYS A 339 1.22 0.54 9.52
CA CYS A 339 1.98 0.20 8.33
C CYS A 339 2.12 1.48 7.49
N PHE A 340 3.30 2.08 7.52
CA PHE A 340 3.56 3.40 6.97
C PHE A 340 4.50 3.29 5.76
N TYR A 341 4.61 4.39 5.03
CA TYR A 341 5.51 4.48 3.89
C TYR A 341 6.77 5.22 4.30
N ASP A 342 7.92 4.55 4.17
CA ASP A 342 9.22 5.17 4.38
C ASP A 342 9.74 5.65 3.02
N ILE A 343 9.90 6.96 2.88
CA ILE A 343 10.29 7.52 1.58
C ILE A 343 11.62 6.96 1.12
N LYS A 344 12.53 6.64 2.04
CA LYS A 344 13.83 6.13 1.68
C LYS A 344 13.85 4.61 1.54
N LEU A 345 13.16 3.90 2.43
CA LEU A 345 13.30 2.45 2.54
C LEU A 345 12.09 1.67 2.08
N GLY A 346 10.94 2.31 1.87
CA GLY A 346 9.75 1.64 1.38
C GLY A 346 8.71 1.43 2.47
N ARG A 347 7.65 0.71 2.10
CA ARG A 347 6.58 0.44 3.04
C ARG A 347 7.05 -0.53 4.11
N ARG A 348 6.68 -0.24 5.36
CA ARG A 348 7.19 -0.98 6.51
C ARG A 348 6.12 -1.04 7.59
N ARG A 349 6.27 -2.01 8.49
CA ARG A 349 5.60 -1.97 9.79
C ARG A 349 6.61 -2.40 10.84
N VAL A 350 6.85 -1.52 11.81
CA VAL A 350 7.91 -1.69 12.80
C VAL A 350 7.26 -1.86 14.17
N GLU A 351 7.75 -2.84 14.93
CA GLU A 351 7.23 -3.16 16.26
C GLU A 351 8.36 -3.01 17.28
N HIS A 352 8.76 -1.77 17.56
CA HIS A 352 9.83 -1.53 18.51
C HIS A 352 9.52 -0.32 19.36
N HIS A 353 10.06 -0.32 20.59
CA HIS A 353 9.78 0.74 21.55
C HIS A 353 10.09 2.11 20.97
N ASP A 354 11.34 2.30 20.49
CA ASP A 354 11.73 3.63 20.01
C ASP A 354 10.91 4.04 18.79
N HIS A 355 10.42 3.07 18.01
CA HIS A 355 9.54 3.41 16.89
C HIS A 355 8.23 3.98 17.40
N ALA A 356 7.63 3.33 18.41
CA ALA A 356 6.42 3.88 19.01
C ALA A 356 6.66 5.31 19.50
N VAL A 357 7.85 5.58 20.04
CA VAL A 357 8.19 6.93 20.46
C VAL A 357 8.28 7.85 19.25
N VAL A 358 9.09 7.48 18.26
CA VAL A 358 9.28 8.32 17.09
C VAL A 358 7.97 8.51 16.34
N SER A 359 7.21 7.45 16.16
CA SER A 359 5.97 7.54 15.38
C SER A 359 4.90 8.31 16.14
N GLY A 360 4.80 8.08 17.46
CA GLY A 360 3.85 8.83 18.27
C GLY A 360 4.13 10.32 18.24
N ARG A 361 5.41 10.68 18.38
CA ARG A 361 5.80 12.08 18.31
C ARG A 361 5.50 12.67 16.92
N LEU A 362 5.91 11.97 15.86
CA LEU A 362 5.62 12.44 14.51
C LEU A 362 4.13 12.65 14.33
N ALA A 363 3.32 11.70 14.80
CA ALA A 363 1.87 11.80 14.64
C ALA A 363 1.32 13.00 15.40
N GLY A 364 1.82 13.26 16.60
CA GLY A 364 1.38 14.41 17.36
C GLY A 364 1.73 15.72 16.68
N GLU A 365 2.93 15.80 16.10
CA GLU A 365 3.31 16.99 15.35
C GLU A 365 2.41 17.19 14.15
N ASN A 366 2.02 16.11 13.48
CA ASN A 366 1.16 16.22 12.30
C ASN A 366 -0.30 16.47 12.67
N MET A 367 -0.73 16.02 13.85
CA MET A 367 -2.06 16.37 14.34
C MET A 367 -2.17 17.85 14.65
N THR A 368 -1.04 18.53 14.88
CA THR A 368 -1.01 19.98 15.03
C THR A 368 -0.54 20.68 13.76
N GLY A 369 -0.57 19.98 12.62
CA GLY A 369 -0.40 20.62 11.33
C GLY A 369 0.99 20.65 10.76
N ALA A 370 1.90 19.80 11.24
CA ALA A 370 3.29 19.87 10.78
C ALA A 370 3.45 19.28 9.38
N ALA A 371 2.67 18.26 9.03
CA ALA A 371 2.72 17.64 7.70
C ALA A 371 4.13 17.15 7.38
N LYS A 372 4.79 16.53 8.36
CA LYS A 372 6.15 16.01 8.18
C LYS A 372 6.11 14.52 7.87
N PRO A 373 6.97 14.03 6.97
CA PRO A 373 7.08 12.59 6.77
C PRO A 373 8.04 11.95 7.76
N TYR A 374 7.89 10.63 7.91
CA TYR A 374 8.85 9.84 8.65
C TYR A 374 10.23 10.00 8.00
N TRP A 375 11.20 10.50 8.78
CA TRP A 375 12.51 10.83 8.24
C TRP A 375 13.60 10.42 9.21
N HIS A 376 13.56 10.96 10.43
CA HIS A 376 14.42 10.49 11.51
C HIS A 376 14.09 9.03 11.79
N GLN A 377 15.06 8.15 11.53
CA GLN A 377 14.81 6.71 11.65
C GLN A 377 14.71 6.30 13.12
N SER A 378 13.81 5.38 13.40
CA SER A 378 13.75 4.74 14.70
C SER A 378 14.83 3.65 14.78
N MET A 379 15.22 3.32 16.00
CA MET A 379 16.19 2.27 16.26
C MET A 379 15.56 1.23 17.17
N PHE A 380 16.28 0.14 17.41
CA PHE A 380 15.87 -0.82 18.41
C PHE A 380 17.12 -1.49 18.98
N TRP A 381 16.91 -2.28 20.03
CA TRP A 381 18.00 -2.87 20.78
C TRP A 381 17.52 -4.13 21.46
N SER A 382 18.47 -4.91 21.97
CA SER A 382 18.15 -6.09 22.76
C SER A 382 19.38 -6.48 23.56
N ASP A 383 19.14 -7.22 24.63
CA ASP A 383 20.21 -7.77 25.46
C ASP A 383 19.88 -9.22 25.76
N LEU A 384 20.78 -10.13 25.38
CA LEU A 384 20.62 -11.57 25.58
C LEU A 384 21.77 -12.03 26.47
N GLY A 385 21.65 -11.79 27.76
CA GLY A 385 22.69 -12.11 28.69
C GLY A 385 23.80 -11.08 28.67
N PRO A 386 24.89 -11.35 29.40
CA PRO A 386 25.95 -10.33 29.53
C PRO A 386 26.86 -10.20 28.34
N ASP A 387 26.91 -11.18 27.43
CA ASP A 387 27.83 -11.16 26.31
C ASP A 387 27.20 -10.73 25.01
N VAL A 388 25.90 -10.48 24.97
CA VAL A 388 25.19 -10.14 23.74
C VAL A 388 24.33 -8.92 24.00
N GLY A 389 24.74 -7.78 23.42
CA GLY A 389 23.96 -6.57 23.43
C GLY A 389 24.18 -5.80 22.16
N TYR A 390 23.11 -5.42 21.47
CA TYR A 390 23.23 -4.77 20.17
C TYR A 390 22.18 -3.68 20.02
N GLU A 391 22.46 -2.76 19.11
CA GLU A 391 21.50 -1.79 18.62
C GLU A 391 21.36 -1.98 17.11
N ALA A 392 20.28 -1.46 16.55
CA ALA A 392 19.97 -1.73 15.16
C ALA A 392 19.08 -0.62 14.61
N ILE A 393 19.08 -0.50 13.29
CA ILE A 393 18.38 0.57 12.61
C ILE A 393 18.16 0.17 11.16
N GLY A 394 16.98 0.48 10.64
CA GLY A 394 16.67 0.21 9.25
C GLY A 394 16.10 -1.16 8.99
N LEU A 395 16.30 -1.68 7.78
CA LEU A 395 15.74 -2.96 7.35
C LEU A 395 16.71 -4.08 7.76
N VAL A 396 16.57 -4.52 9.02
CA VAL A 396 17.40 -5.59 9.56
C VAL A 396 16.64 -6.89 9.32
N ASP A 397 17.02 -7.58 8.25
CA ASP A 397 16.30 -8.76 7.77
C ASP A 397 17.32 -9.77 7.29
N SER A 398 17.29 -10.98 7.84
CA SER A 398 18.33 -11.97 7.58
C SER A 398 18.26 -12.53 6.17
N SER A 399 17.18 -12.29 5.42
CA SER A 399 17.14 -12.72 4.02
C SER A 399 17.94 -11.82 3.11
N LEU A 400 18.29 -10.62 3.55
CA LEU A 400 19.08 -9.71 2.73
C LEU A 400 20.55 -10.10 2.76
N PRO A 401 21.29 -9.86 1.68
CA PRO A 401 22.75 -10.04 1.74
C PRO A 401 23.35 -9.09 2.77
N THR A 402 24.42 -9.56 3.43
CA THR A 402 25.01 -8.81 4.53
C THR A 402 26.52 -8.81 4.41
N VAL A 403 27.13 -7.78 4.99
CA VAL A 403 28.58 -7.71 5.18
C VAL A 403 28.81 -7.43 6.66
N GLY A 404 29.49 -8.35 7.34
CA GLY A 404 29.75 -8.23 8.76
C GLY A 404 31.25 -8.04 9.00
N VAL A 405 31.57 -6.99 9.74
CA VAL A 405 32.95 -6.64 10.07
C VAL A 405 33.12 -6.79 11.57
N PHE A 406 33.98 -7.72 11.98
CA PHE A 406 34.19 -8.04 13.38
C PHE A 406 35.65 -7.84 13.75
N ALA A 407 35.88 -7.47 15.02
CA ALA A 407 37.22 -7.21 15.50
C ALA A 407 37.99 -8.53 15.66
N LYS A 408 39.22 -8.56 15.16
CA LYS A 408 40.10 -9.71 15.30
C LYS A 408 41.16 -9.40 16.34
N ALA A 409 41.35 -10.31 17.29
CA ALA A 409 42.30 -10.10 18.38
C ALA A 409 43.73 -10.40 17.94
N GLU A 456 35.72 -18.99 15.70
CA GLU A 456 35.55 -17.60 15.28
C GLU A 456 34.82 -16.80 16.36
N ASP A 457 35.42 -15.68 16.77
CA ASP A 457 34.86 -14.84 17.83
C ASP A 457 34.11 -13.69 17.18
N TYR A 458 32.79 -13.65 17.39
CA TYR A 458 31.93 -12.58 16.90
C TYR A 458 31.57 -11.62 18.04
N GLY A 459 32.58 -11.20 18.78
CA GLY A 459 32.32 -10.42 19.99
C GLY A 459 31.88 -9.00 19.70
N LYS A 460 32.65 -8.28 18.88
CA LYS A 460 32.38 -6.87 18.58
C LYS A 460 32.44 -6.67 17.07
N GLY A 461 31.47 -5.95 16.53
CA GLY A 461 31.49 -5.66 15.10
C GLY A 461 30.25 -4.90 14.68
N VAL A 462 30.17 -4.68 13.37
CA VAL A 462 29.05 -4.00 12.74
C VAL A 462 28.64 -4.80 11.51
N ILE A 463 27.33 -4.99 11.34
CA ILE A 463 26.79 -5.81 10.26
C ILE A 463 25.93 -4.91 9.37
N PHE A 464 26.25 -4.87 8.07
CA PHE A 464 25.51 -4.08 7.11
C PHE A 464 24.58 -4.97 6.31
N TYR A 465 23.34 -4.51 6.14
CA TYR A 465 22.33 -5.20 5.33
C TYR A 465 22.13 -4.41 4.04
N LEU A 466 22.23 -5.10 2.91
CA LEU A 466 22.28 -4.45 1.62
C LEU A 466 21.05 -4.79 0.77
N ARG A 467 20.66 -3.83 -0.06
CA ARG A 467 19.64 -4.05 -1.08
C ARG A 467 19.96 -3.13 -2.25
N ASP A 468 20.17 -3.71 -3.42
CA ASP A 468 20.58 -2.95 -4.60
C ASP A 468 21.94 -2.28 -4.37
N LYS A 469 22.83 -3.00 -3.69
CA LYS A 469 24.19 -2.55 -3.38
C LYS A 469 24.21 -1.37 -2.40
N VAL A 470 23.08 -1.03 -1.79
CA VAL A 470 22.97 0.10 -0.88
C VAL A 470 22.68 -0.41 0.53
N VAL A 471 23.29 0.23 1.52
CA VAL A 471 23.06 -0.15 2.92
C VAL A 471 21.67 0.32 3.34
N VAL A 472 20.81 -0.63 3.71
CA VAL A 472 19.46 -0.33 4.17
C VAL A 472 19.23 -0.70 5.62
N GLY A 473 20.18 -1.35 6.28
CA GLY A 473 20.05 -1.69 7.68
C GLY A 473 21.40 -1.97 8.29
N ILE A 474 21.53 -1.67 9.58
CA ILE A 474 22.78 -1.81 10.30
C ILE A 474 22.50 -2.38 11.68
N VAL A 475 23.34 -3.33 12.10
CA VAL A 475 23.32 -3.86 13.46
C VAL A 475 24.65 -3.52 14.10
N LEU A 476 24.59 -2.87 15.26
CA LEU A 476 25.77 -2.52 16.04
C LEU A 476 25.95 -3.59 17.12
N TRP A 477 26.96 -4.45 16.94
CA TRP A 477 27.12 -5.66 17.73
C TRP A 477 28.09 -5.38 18.87
N ASN A 478 27.56 -5.24 20.09
CA ASN A 478 28.34 -5.00 21.29
C ASN A 478 29.21 -3.74 21.18
N ILE A 479 28.85 -2.80 20.32
CA ILE A 479 29.45 -1.47 20.28
C ILE A 479 28.33 -0.46 20.48
N PHE A 480 28.60 0.56 21.30
CA PHE A 480 27.55 1.44 21.77
C PHE A 480 27.93 2.90 21.48
N ASN A 481 26.89 3.74 21.43
CA ASN A 481 27.03 5.16 21.09
C ASN A 481 27.53 5.36 19.67
N ARG A 482 27.24 4.40 18.78
CA ARG A 482 27.56 4.50 17.37
C ARG A 482 26.34 4.79 16.51
N MET A 483 25.15 4.92 17.10
CA MET A 483 23.96 5.13 16.29
C MET A 483 24.05 6.37 15.40
N PRO A 484 24.61 7.50 15.86
CA PRO A 484 24.77 8.64 14.95
C PRO A 484 25.45 8.28 13.63
N ILE A 485 26.55 7.53 13.68
CA ILE A 485 27.23 7.15 12.45
C ILE A 485 26.32 6.26 11.59
N ALA A 486 25.60 5.34 12.22
CA ALA A 486 24.72 4.45 11.48
C ALA A 486 23.62 5.22 10.77
N ARG A 487 23.09 6.28 11.40
CA ARG A 487 22.07 7.09 10.77
C ARG A 487 22.59 7.72 9.48
N LYS A 488 23.77 8.33 9.55
CA LYS A 488 24.34 8.99 8.38
C LYS A 488 24.49 8.01 7.22
N ILE A 489 25.00 6.81 7.49
CA ILE A 489 25.18 5.83 6.43
C ILE A 489 23.85 5.49 5.78
N ILE A 490 22.81 5.29 6.59
CA ILE A 490 21.49 4.98 6.03
C ILE A 490 20.96 6.17 5.23
N LYS A 491 21.13 7.37 5.76
CA LYS A 491 20.58 8.56 5.08
C LYS A 491 21.20 8.73 3.70
N ASP A 492 22.54 8.68 3.63
CA ASP A 492 23.22 9.03 2.38
C ASP A 492 22.81 8.10 1.24
N GLY A 493 22.63 6.81 1.53
CA GLY A 493 22.22 5.88 0.49
C GLY A 493 23.24 5.67 -0.61
N GLU A 494 24.52 5.70 -0.26
CA GLU A 494 25.58 5.53 -1.25
C GLU A 494 25.78 4.05 -1.56
N GLN A 495 26.30 3.79 -2.77
CA GLN A 495 26.76 2.45 -3.15
C GLN A 495 28.24 2.37 -2.81
N HIS A 496 28.55 1.75 -1.67
CA HIS A 496 29.93 1.66 -1.23
C HIS A 496 30.64 0.49 -1.90
N GLU A 497 31.87 0.74 -2.35
CA GLU A 497 32.66 -0.31 -3.00
C GLU A 497 33.23 -1.29 -1.98
N ASP A 498 33.59 -0.82 -0.79
CA ASP A 498 34.19 -1.66 0.25
C ASP A 498 33.60 -1.23 1.59
N LEU A 499 32.75 -2.07 2.17
CA LEU A 499 32.14 -1.75 3.45
C LEU A 499 33.09 -1.92 4.62
N ASN A 500 34.27 -2.51 4.40
CA ASN A 500 35.30 -2.49 5.44
C ASN A 500 35.81 -1.07 5.67
N GLU A 501 35.85 -0.25 4.62
CA GLU A 501 36.22 1.14 4.79
C GLU A 501 35.15 1.90 5.57
N VAL A 502 33.87 1.59 5.31
CA VAL A 502 32.80 2.21 6.07
C VAL A 502 32.87 1.81 7.53
N ALA A 503 33.16 0.53 7.79
CA ALA A 503 33.23 0.04 9.17
C ALA A 503 34.28 0.81 9.98
N LYS A 504 35.32 1.30 9.32
CA LYS A 504 36.35 2.06 10.03
C LYS A 504 35.75 3.24 10.80
N LEU A 505 34.62 3.77 10.32
CA LEU A 505 33.99 4.90 10.99
C LEU A 505 33.40 4.55 12.34
N PHE A 506 33.23 3.26 12.64
CA PHE A 506 32.62 2.82 13.89
C PHE A 506 33.64 2.51 14.98
N ASN A 507 34.92 2.47 14.65
CA ASN A 507 35.99 2.32 15.63
C ASN A 507 35.70 1.16 16.59
N ILE A 508 35.65 -0.05 16.02
CA ILE A 508 35.28 -1.24 16.79
C ILE A 508 36.41 -1.80 17.63
N HIS A 509 37.58 -1.15 17.64
CA HIS A 509 38.72 -1.58 18.45
C HIS A 509 39.06 -0.59 19.55
N GLU A 510 38.23 0.43 19.77
CA GLU A 510 38.53 1.46 20.76
C GLU A 510 39.09 0.87 22.04
N ASP A 511 40.35 1.16 22.34
CA ASP A 511 41.04 0.58 23.50
C ASP A 511 41.01 -0.93 23.42
N GLY A 519 51.11 -9.85 15.86
CA GLY A 519 50.28 -9.04 14.92
C GLY A 519 49.98 -9.72 13.59
N SER A 520 48.88 -10.48 13.54
CA SER A 520 48.51 -11.24 12.36
C SER A 520 47.76 -10.37 11.35
N MET A 521 47.50 -10.93 10.17
CA MET A 521 46.82 -10.22 9.09
C MET A 521 45.32 -10.46 9.13
N SER A 522 44.56 -9.46 8.70
CA SER A 522 43.12 -9.58 8.54
C SER A 522 42.78 -10.56 7.42
N TYR A 523 41.54 -11.06 7.45
CA TYR A 523 41.06 -11.98 6.42
C TYR A 523 39.54 -11.83 6.31
N CYS A 524 38.98 -12.42 5.26
CA CYS A 524 37.54 -12.35 5.01
C CYS A 524 37.06 -13.67 4.44
N ARG A 525 35.73 -13.86 4.46
CA ARG A 525 35.12 -15.08 3.97
C ARG A 525 33.73 -14.76 3.43
N GLN A 526 33.33 -15.51 2.41
CA GLN A 526 32.01 -15.35 1.79
C GLN A 526 31.23 -16.64 1.99
N GLU A 527 30.21 -16.59 2.85
CA GLU A 527 29.32 -17.73 3.11
C GLU A 527 27.99 -17.43 2.42
N GLY A 528 27.89 -17.84 1.17
CA GLY A 528 26.69 -17.54 0.40
C GLY A 528 26.54 -16.04 0.22
N LYS A 529 25.39 -15.51 0.64
CA LYS A 529 25.09 -14.10 0.50
C LYS A 529 25.78 -13.24 1.55
N ASP A 530 26.42 -13.85 2.55
CA ASP A 530 27.02 -13.12 3.67
C ASP A 530 28.53 -13.04 3.51
N ARG A 531 29.07 -11.83 3.62
CA ARG A 531 30.51 -11.59 3.70
C ARG A 531 30.88 -11.38 5.17
N ILE A 532 31.99 -11.97 5.59
CA ILE A 532 32.44 -11.91 6.97
C ILE A 532 33.90 -11.44 6.93
N ILE A 533 34.15 -10.22 7.39
CA ILE A 533 35.48 -9.63 7.43
C ILE A 533 35.93 -9.59 8.88
N PHE A 534 37.11 -10.15 9.15
CA PHE A 534 37.73 -10.10 10.47
C PHE A 534 38.93 -9.15 10.37
N VAL A 535 38.86 -8.01 11.04
CA VAL A 535 39.80 -6.91 10.86
C VAL A 535 40.56 -6.68 12.16
N THR A 536 41.88 -6.54 12.06
CA THR A 536 42.71 -6.27 13.22
C THR A 536 42.71 -4.78 13.54
N LYS A 537 43.18 -4.45 14.75
CA LYS A 537 43.25 -3.06 15.18
C LYS A 537 44.07 -2.23 14.21
N GLU A 538 45.25 -2.73 13.82
CA GLU A 538 46.13 -1.95 12.95
C GLU A 538 45.44 -1.63 11.62
N ASP A 539 44.81 -2.62 11.00
CA ASP A 539 44.15 -2.38 9.72
C ASP A 539 42.89 -1.53 9.90
N HIS A 540 42.14 -1.76 10.96
CA HIS A 540 40.88 -1.06 11.15
C HIS A 540 41.08 0.43 11.40
N GLU A 541 42.22 0.81 11.98
CA GLU A 541 42.48 2.19 12.36
C GLU A 541 43.38 2.90 11.35
N THR A 542 43.36 2.46 10.10
CA THR A 542 43.96 3.20 8.99
C THR A 542 42.94 4.17 8.42
N PRO A 543 43.37 5.11 7.58
CA PRO A 543 42.43 6.09 7.02
C PRO A 543 41.33 5.43 6.20
N SER A 544 40.13 5.99 6.29
CA SER A 544 38.95 5.48 5.60
C SER A 544 38.69 6.27 4.33
N SER A 545 38.45 5.55 3.24
CA SER A 545 38.06 6.15 1.96
C SER A 545 36.54 6.16 1.77
N ALA A 546 35.77 5.86 2.81
CA ALA A 546 34.32 5.79 2.67
C ALA A 546 33.76 7.13 2.20
N GLU A 547 32.77 7.06 1.31
CA GLU A 547 32.15 8.25 0.74
C GLU A 547 31.02 8.73 1.65
N LEU A 548 31.16 9.96 2.17
CA LEU A 548 30.15 10.58 3.01
C LEU A 548 29.66 11.85 2.34
N VAL A 549 28.34 12.05 2.35
CA VAL A 549 27.71 13.03 1.47
C VAL A 549 27.85 14.47 1.95
N ALA A 550 28.11 14.70 3.24
CA ALA A 550 28.16 16.06 3.77
C ALA A 550 26.83 16.77 3.53
N LYS B 25 4.81 33.19 -19.19
CA LYS B 25 3.38 32.90 -19.21
C LYS B 25 2.94 32.30 -17.88
N ALA B 26 3.80 31.50 -17.28
CA ALA B 26 3.44 30.77 -16.06
C ALA B 26 3.49 31.70 -14.86
N PRO B 27 2.46 31.69 -13.99
CA PRO B 27 2.58 32.40 -12.71
C PRO B 27 3.60 31.71 -11.81
N SER B 28 4.15 32.49 -10.88
CA SER B 28 5.06 31.93 -9.90
C SER B 28 4.34 31.24 -8.75
N HIS B 29 3.07 31.59 -8.52
CA HIS B 29 2.27 30.94 -7.50
C HIS B 29 0.83 30.82 -8.01
N VAL B 30 0.17 29.74 -7.59
CA VAL B 30 -1.21 29.49 -7.96
C VAL B 30 -1.88 28.71 -6.83
N PRO B 31 -3.06 29.11 -6.35
CA PRO B 31 -3.69 28.34 -5.26
C PRO B 31 -3.98 26.89 -5.61
N PHE B 32 -4.52 26.63 -6.80
CA PHE B 32 -4.84 25.26 -7.23
C PHE B 32 -4.05 24.94 -8.48
N LEU B 33 -3.17 23.94 -8.39
CA LEU B 33 -2.34 23.50 -9.49
C LEU B 33 -2.77 22.09 -9.90
N LEU B 34 -3.19 21.94 -11.15
CA LEU B 34 -3.63 20.66 -11.70
C LEU B 34 -2.60 20.21 -12.74
N ILE B 35 -1.92 19.11 -12.45
CA ILE B 35 -0.85 18.60 -13.31
C ILE B 35 -1.47 17.59 -14.27
N GLY B 36 -1.47 17.92 -15.57
CA GLY B 36 -2.07 17.09 -16.58
C GLY B 36 -3.37 17.71 -17.08
N GLY B 37 -3.52 17.82 -18.40
CA GLY B 37 -4.68 18.49 -18.96
C GLY B 37 -5.68 17.56 -19.61
N GLY B 38 -6.10 16.52 -18.89
CA GLY B 38 -7.03 15.55 -19.41
C GLY B 38 -8.41 15.61 -18.78
N THR B 39 -9.11 14.48 -18.79
CA THR B 39 -10.49 14.45 -18.30
C THR B 39 -10.55 14.69 -16.79
N ALA B 40 -9.64 14.07 -16.03
CA ALA B 40 -9.70 14.21 -14.58
C ALA B 40 -9.41 15.64 -14.14
N ALA B 41 -8.41 16.28 -14.74
CA ALA B 41 -8.08 17.65 -14.36
C ALA B 41 -9.24 18.59 -14.62
N PHE B 42 -9.91 18.44 -15.75
CA PHE B 42 -11.02 19.35 -16.07
C PHE B 42 -12.18 19.15 -15.10
N ALA B 43 -12.47 17.91 -14.74
CA ALA B 43 -13.56 17.67 -13.78
C ALA B 43 -13.24 18.26 -12.42
N ALA B 44 -11.98 18.20 -12.00
CA ALA B 44 -11.59 18.81 -10.73
C ALA B 44 -11.75 20.33 -10.79
N ALA B 45 -11.41 20.94 -11.93
CA ALA B 45 -11.54 22.39 -12.06
C ALA B 45 -12.99 22.83 -11.92
N ARG B 46 -13.92 22.10 -12.53
CA ARG B 46 -15.34 22.39 -12.33
C ARG B 46 -15.69 22.33 -10.85
N SER B 47 -15.22 21.29 -10.16
CA SER B 47 -15.58 21.11 -8.76
C SER B 47 -15.03 22.24 -7.90
N ILE B 48 -13.78 22.65 -8.16
CA ILE B 48 -13.18 23.72 -7.37
C ILE B 48 -13.93 25.03 -7.60
N ARG B 49 -14.25 25.33 -8.85
CA ARG B 49 -14.93 26.60 -9.15
C ARG B 49 -16.33 26.64 -8.55
N ALA B 50 -16.96 25.49 -8.34
CA ALA B 50 -18.30 25.46 -7.79
C ALA B 50 -18.33 25.65 -6.27
N ARG B 51 -17.21 25.39 -5.59
CA ARG B 51 -17.17 25.41 -4.13
C ARG B 51 -16.38 26.56 -3.53
N ASP B 52 -15.34 27.05 -4.23
CA ASP B 52 -14.46 28.07 -3.68
C ASP B 52 -14.60 29.36 -4.48
N PRO B 53 -15.21 30.41 -3.93
CA PRO B 53 -15.43 31.63 -4.72
C PRO B 53 -14.11 32.31 -5.08
N GLY B 54 -14.04 32.76 -6.33
CA GLY B 54 -12.84 33.40 -6.83
C GLY B 54 -11.65 32.49 -6.99
N ALA B 55 -11.88 31.17 -7.00
CA ALA B 55 -10.77 30.23 -7.11
C ALA B 55 -9.98 30.48 -8.39
N ARG B 56 -8.66 30.38 -8.27
CA ARG B 56 -7.74 30.54 -9.39
C ARG B 56 -7.07 29.19 -9.63
N VAL B 57 -7.31 28.61 -10.80
CA VAL B 57 -6.90 27.25 -11.11
C VAL B 57 -6.03 27.28 -12.36
N LEU B 58 -4.89 26.61 -12.29
CA LEU B 58 -3.97 26.48 -13.41
C LEU B 58 -3.82 25.01 -13.76
N ILE B 59 -4.12 24.66 -15.00
CA ILE B 59 -3.87 23.33 -15.54
C ILE B 59 -2.59 23.41 -16.35
N VAL B 60 -1.57 22.63 -15.95
CA VAL B 60 -0.32 22.53 -16.69
C VAL B 60 -0.40 21.26 -17.53
N SER B 61 -0.37 21.42 -18.85
CA SER B 61 -0.65 20.32 -19.77
C SER B 61 0.52 20.14 -20.72
N GLU B 62 1.14 18.97 -20.66
CA GLU B 62 2.17 18.60 -21.64
C GLU B 62 1.63 18.63 -23.05
N ASP B 63 0.34 18.32 -23.22
CA ASP B 63 -0.26 18.25 -24.53
C ASP B 63 -0.49 19.66 -25.08
N PRO B 64 -0.16 19.92 -26.35
CA PRO B 64 -0.49 21.23 -26.93
C PRO B 64 -1.98 21.48 -27.06
N GLU B 65 -2.81 20.44 -26.99
CA GLU B 65 -4.26 20.60 -27.11
C GLU B 65 -4.87 20.89 -25.75
N LEU B 66 -6.00 21.59 -25.78
CA LEU B 66 -6.77 21.84 -24.57
C LEU B 66 -7.56 20.58 -24.19
N PRO B 67 -8.02 20.51 -22.93
CA PRO B 67 -8.63 19.26 -22.45
C PRO B 67 -9.77 18.78 -23.35
N TYR B 68 -9.73 17.49 -23.70
CA TYR B 68 -10.74 16.87 -24.55
C TYR B 68 -10.99 15.45 -24.10
N MET B 69 -12.15 14.92 -24.47
CA MET B 69 -12.52 13.54 -24.16
C MET B 69 -12.01 12.61 -25.26
N ARG B 70 -11.55 11.42 -24.86
CA ARG B 70 -10.92 10.50 -25.79
C ARG B 70 -11.88 9.45 -26.38
N PRO B 71 -12.95 9.05 -25.68
CA PRO B 71 -13.80 7.95 -26.19
C PRO B 71 -14.27 8.17 -27.62
N PRO B 72 -14.61 9.39 -28.02
CA PRO B 72 -15.00 9.59 -29.43
C PRO B 72 -13.91 9.22 -30.43
N LEU B 73 -12.64 9.25 -30.03
CA LEU B 73 -11.55 9.04 -30.98
C LEU B 73 -11.58 7.63 -31.55
N SER B 74 -12.13 6.68 -30.82
CA SER B 74 -12.19 5.29 -31.26
C SER B 74 -13.57 4.89 -31.77
N LYS B 75 -14.55 5.79 -31.74
CA LYS B 75 -15.92 5.42 -32.09
C LYS B 75 -16.61 6.48 -32.96
N GLU B 76 -17.29 7.43 -32.33
CA GLU B 76 -18.23 8.27 -33.07
C GLU B 76 -17.53 9.08 -34.16
N LEU B 77 -16.31 9.55 -33.90
CA LEU B 77 -15.61 10.34 -34.92
C LEU B 77 -15.34 9.54 -36.18
N TRP B 78 -15.32 8.20 -36.09
CA TRP B 78 -15.13 7.37 -37.27
C TRP B 78 -16.41 7.17 -38.07
N PHE B 79 -17.57 7.34 -37.44
CA PHE B 79 -18.86 7.08 -38.08
C PHE B 79 -19.60 8.36 -38.46
N SER B 80 -18.87 9.46 -38.63
CA SER B 80 -19.48 10.72 -39.00
C SER B 80 -19.72 10.76 -40.52
N ASP B 81 -20.54 11.73 -40.93
CA ASP B 81 -20.78 11.98 -42.34
C ASP B 81 -19.93 13.10 -42.91
N ASP B 82 -19.62 14.12 -42.10
CA ASP B 82 -18.80 15.22 -42.54
C ASP B 82 -17.42 14.72 -42.96
N PRO B 83 -17.01 14.89 -44.22
CA PRO B 83 -15.64 14.50 -44.60
C PRO B 83 -14.57 15.25 -43.86
N ASN B 84 -14.91 16.41 -43.27
CA ASN B 84 -13.96 17.23 -42.54
C ASN B 84 -13.97 16.93 -41.04
N VAL B 85 -14.53 15.79 -40.64
CA VAL B 85 -14.61 15.46 -39.21
C VAL B 85 -13.22 15.46 -38.59
N THR B 86 -12.19 15.18 -39.40
CA THR B 86 -10.82 15.23 -38.89
C THR B 86 -10.34 16.65 -38.63
N LYS B 87 -11.08 17.66 -39.06
CA LYS B 87 -10.79 19.06 -38.77
C LYS B 87 -11.73 19.66 -37.75
N THR B 88 -13.02 19.33 -37.80
CA THR B 88 -13.98 19.88 -36.85
C THR B 88 -13.86 19.22 -35.48
N LEU B 89 -13.54 17.93 -35.46
CA LEU B 89 -13.53 17.14 -34.23
C LEU B 89 -14.88 17.24 -33.51
N ARG B 90 -15.94 17.28 -34.29
CA ARG B 90 -17.30 17.31 -33.78
C ARG B 90 -18.01 16.02 -34.18
N PHE B 91 -18.77 15.45 -33.24
CA PHE B 91 -19.46 14.19 -33.44
C PHE B 91 -20.88 14.30 -32.94
N LYS B 92 -21.73 13.38 -33.39
CA LYS B 92 -23.13 13.34 -32.99
C LYS B 92 -23.32 12.25 -31.94
N GLN B 93 -23.89 12.63 -30.80
CA GLN B 93 -24.09 11.72 -29.69
C GLN B 93 -25.27 10.79 -29.96
N ALA B 94 -25.38 9.77 -29.10
CA ALA B 94 -26.47 8.80 -29.26
C ALA B 94 -27.83 9.50 -29.27
N ASN B 95 -28.01 10.51 -28.42
CA ASN B 95 -29.28 11.22 -28.41
C ASN B 95 -29.54 11.93 -29.73
N GLY B 96 -28.48 12.38 -30.41
CA GLY B 96 -28.60 13.06 -31.68
C GLY B 96 -27.98 14.44 -31.71
N LYS B 97 -27.55 14.98 -30.56
CA LYS B 97 -26.98 16.33 -30.52
C LYS B 97 -25.51 16.29 -30.89
N GLU B 98 -25.10 17.15 -31.80
CA GLU B 98 -23.71 17.25 -32.20
C GLU B 98 -22.93 18.08 -31.19
N ARG B 99 -21.68 17.68 -30.94
CA ARG B 99 -20.84 18.40 -30.00
C ARG B 99 -19.38 18.24 -30.40
N SER B 100 -18.52 18.94 -29.67
CA SER B 100 -17.08 18.87 -29.83
C SER B 100 -16.48 17.90 -28.81
N ILE B 101 -15.31 17.35 -29.14
CA ILE B 101 -14.60 16.53 -28.18
C ILE B 101 -13.99 17.37 -27.08
N TYR B 102 -13.83 18.68 -27.30
CA TYR B 102 -13.31 19.55 -26.27
C TYR B 102 -14.35 19.77 -25.19
N PHE B 103 -13.93 19.69 -23.93
CA PHE B 103 -14.86 19.83 -22.82
C PHE B 103 -15.49 21.21 -22.78
N GLN B 104 -14.85 22.22 -23.37
CA GLN B 104 -15.29 23.59 -23.16
C GLN B 104 -14.80 24.46 -24.30
N PRO B 105 -15.59 25.44 -24.75
CA PRO B 105 -15.08 26.41 -25.72
C PRO B 105 -13.76 27.01 -25.24
N PRO B 106 -12.78 27.18 -26.13
CA PRO B 106 -11.48 27.70 -25.68
C PRO B 106 -11.57 29.08 -25.04
N SER B 107 -12.52 29.92 -25.46
CA SER B 107 -12.58 31.28 -24.95
C SER B 107 -13.02 31.35 -23.49
N PHE B 108 -13.58 30.27 -22.94
CA PHE B 108 -14.01 30.27 -21.54
C PHE B 108 -12.86 30.13 -20.56
N TYR B 109 -11.67 29.77 -21.02
CA TYR B 109 -10.50 29.77 -20.16
C TYR B 109 -9.95 31.20 -20.04
N VAL B 110 -9.27 31.46 -18.94
CA VAL B 110 -8.50 32.69 -18.77
C VAL B 110 -7.05 32.38 -19.11
N SER B 111 -6.32 33.39 -19.55
CA SER B 111 -4.92 33.21 -19.87
C SER B 111 -4.11 32.99 -18.59
N ALA B 112 -3.01 32.25 -18.72
CA ALA B 112 -2.16 32.02 -17.55
C ALA B 112 -1.53 33.31 -17.06
N GLN B 113 -1.29 34.27 -17.95
CA GLN B 113 -0.76 35.56 -17.52
C GLN B 113 -1.79 36.37 -16.74
N ASP B 114 -3.07 36.18 -17.04
CA ASP B 114 -4.14 36.92 -16.38
C ASP B 114 -4.69 36.24 -15.14
N LEU B 115 -4.47 34.93 -15.00
CA LEU B 115 -5.03 34.20 -13.86
C LEU B 115 -4.72 34.84 -12.52
N PRO B 116 -3.52 35.37 -12.25
CA PRO B 116 -3.25 35.92 -10.92
C PRO B 116 -4.01 37.19 -10.61
N HIS B 117 -4.51 37.91 -11.62
CA HIS B 117 -5.10 39.22 -11.42
C HIS B 117 -6.58 39.33 -11.78
N ILE B 118 -7.08 38.45 -12.66
CA ILE B 118 -8.44 38.61 -13.16
C ILE B 118 -9.43 38.61 -11.99
N GLU B 119 -10.50 39.38 -12.15
CA GLU B 119 -11.52 39.48 -11.10
C GLU B 119 -12.27 38.16 -10.98
N ASN B 120 -12.36 37.64 -9.76
CA ASN B 120 -13.06 36.39 -9.44
C ASN B 120 -12.40 35.16 -10.07
N GLY B 121 -11.12 35.26 -10.41
CA GLY B 121 -10.36 34.08 -10.80
C GLY B 121 -10.87 33.43 -12.08
N GLY B 122 -10.59 32.13 -12.19
CA GLY B 122 -10.96 31.38 -13.37
C GLY B 122 -10.05 30.17 -13.51
N VAL B 123 -10.05 29.60 -14.72
CA VAL B 123 -9.29 28.41 -15.05
C VAL B 123 -8.40 28.72 -16.25
N ALA B 124 -7.09 28.55 -16.08
CA ALA B 124 -6.14 28.74 -17.16
C ALA B 124 -5.43 27.42 -17.45
N VAL B 125 -5.03 27.24 -18.71
CA VAL B 125 -4.33 26.05 -19.13
C VAL B 125 -3.00 26.48 -19.74
N LEU B 126 -1.91 25.97 -19.17
CA LEU B 126 -0.57 26.18 -19.72
C LEU B 126 -0.26 24.98 -20.60
N THR B 127 -0.42 25.15 -21.91
CA THR B 127 -0.26 24.04 -22.85
C THR B 127 1.17 23.94 -23.33
N GLY B 128 1.56 22.72 -23.70
CA GLY B 128 2.91 22.48 -24.18
C GLY B 128 3.98 22.58 -23.10
N LYS B 129 3.60 22.39 -21.84
CA LYS B 129 4.52 22.49 -20.71
C LYS B 129 4.35 21.25 -19.84
N LYS B 130 5.47 20.66 -19.44
CA LYS B 130 5.48 19.42 -18.67
C LYS B 130 6.10 19.68 -17.30
N VAL B 131 5.41 19.23 -16.26
CA VAL B 131 5.98 19.23 -14.91
C VAL B 131 6.99 18.11 -14.83
N VAL B 132 8.26 18.47 -14.60
CA VAL B 132 9.35 17.50 -14.57
C VAL B 132 9.90 17.28 -13.17
N GLN B 133 9.53 18.12 -12.20
CA GLN B 133 10.04 17.98 -10.85
C GLN B 133 8.94 18.39 -9.87
N LEU B 134 8.82 17.63 -8.79
CA LEU B 134 7.81 17.87 -7.75
C LEU B 134 8.51 17.90 -6.41
N ASP B 135 8.31 19.01 -5.67
CA ASP B 135 8.86 19.19 -4.33
C ASP B 135 7.69 19.25 -3.36
N VAL B 136 7.42 18.13 -2.69
CA VAL B 136 6.19 18.01 -1.90
C VAL B 136 6.22 18.94 -0.69
N ARG B 137 7.38 19.08 -0.05
CA ARG B 137 7.43 19.81 1.22
C ARG B 137 7.56 21.31 1.01
N ASP B 138 8.15 21.75 -0.09
CA ASP B 138 8.15 23.16 -0.47
C ASP B 138 6.97 23.53 -1.35
N ASN B 139 6.06 22.59 -1.61
CA ASN B 139 4.86 22.83 -2.41
C ASN B 139 5.21 23.55 -3.72
N MET B 140 6.13 22.96 -4.47
CA MET B 140 6.67 23.59 -5.68
C MET B 140 6.87 22.54 -6.76
N VAL B 141 6.66 22.97 -8.01
CA VAL B 141 6.96 22.16 -9.18
C VAL B 141 7.89 22.93 -10.09
N LYS B 142 8.61 22.20 -10.93
CA LYS B 142 9.46 22.78 -11.96
C LYS B 142 9.04 22.24 -13.31
N LEU B 143 8.95 23.14 -14.29
CA LEU B 143 8.54 22.76 -15.64
C LEU B 143 9.76 22.45 -16.50
N ASN B 144 9.49 21.96 -17.70
CA ASN B 144 10.58 21.61 -18.62
C ASN B 144 11.35 22.84 -19.11
N ASP B 145 10.75 24.03 -19.02
CA ASP B 145 11.41 25.26 -19.44
C ASP B 145 12.17 25.94 -18.30
N GLY B 146 12.22 25.33 -17.11
CA GLY B 146 12.89 25.91 -15.97
C GLY B 146 11.99 26.70 -15.04
N SER B 147 10.78 27.04 -15.47
CA SER B 147 9.86 27.78 -14.62
C SER B 147 9.55 27.00 -13.36
N GLN B 148 9.38 27.72 -12.25
CA GLN B 148 9.00 27.13 -10.98
C GLN B 148 7.67 27.73 -10.53
N ILE B 149 6.78 26.88 -10.02
CA ILE B 149 5.46 27.30 -9.58
C ILE B 149 5.21 26.69 -8.21
N THR B 150 4.83 27.53 -7.24
CA THR B 150 4.40 27.07 -5.94
C THR B 150 2.88 26.99 -5.90
N TYR B 151 2.37 26.04 -5.11
CA TYR B 151 0.94 25.81 -5.03
C TYR B 151 0.50 25.75 -3.57
N GLU B 152 -0.79 25.91 -3.37
CA GLU B 152 -1.44 25.64 -2.08
C GLU B 152 -2.11 24.28 -2.05
N LYS B 153 -2.68 23.86 -3.19
CA LYS B 153 -3.27 22.54 -3.35
C LYS B 153 -2.91 22.04 -4.73
N CYS B 154 -2.50 20.77 -4.82
CA CYS B 154 -2.06 20.18 -6.08
C CYS B 154 -2.80 18.89 -6.37
N LEU B 155 -3.20 18.73 -7.62
CA LEU B 155 -3.75 17.48 -8.13
C LEU B 155 -2.80 16.90 -9.17
N ILE B 156 -2.54 15.59 -9.07
CA ILE B 156 -1.82 14.86 -10.09
C ILE B 156 -2.84 14.08 -10.91
N ALA B 157 -2.95 14.41 -12.18
CA ALA B 157 -3.90 13.76 -13.10
C ALA B 157 -3.21 13.49 -14.43
N THR B 158 -2.07 12.81 -14.37
CA THR B 158 -1.21 12.62 -15.53
C THR B 158 -1.62 11.46 -16.42
N GLY B 159 -2.68 10.74 -16.07
CA GLY B 159 -3.16 9.67 -16.94
C GLY B 159 -2.08 8.62 -17.18
N GLY B 160 -1.99 8.15 -18.42
CA GLY B 160 -1.02 7.14 -18.79
C GLY B 160 -0.56 7.30 -20.21
N THR B 161 0.47 6.52 -20.56
CA THR B 161 1.03 6.46 -21.89
C THR B 161 0.87 5.06 -22.46
N PRO B 162 0.50 4.94 -23.74
CA PRO B 162 0.29 3.59 -24.29
C PRO B 162 1.55 2.74 -24.21
N ARG B 163 1.38 1.49 -23.78
CA ARG B 163 2.49 0.56 -23.77
C ARG B 163 2.83 0.11 -25.20
N SER B 164 4.10 -0.18 -25.40
CA SER B 164 4.57 -0.74 -26.66
C SER B 164 4.78 -2.24 -26.50
N LEU B 165 4.95 -2.91 -27.64
CA LEU B 165 5.21 -4.34 -27.64
C LEU B 165 6.71 -4.57 -27.71
N SER B 166 7.20 -5.50 -26.88
CA SER B 166 8.63 -5.76 -26.84
C SER B 166 9.17 -6.14 -28.22
N ALA B 167 8.44 -6.99 -28.94
CA ALA B 167 8.89 -7.39 -30.28
C ALA B 167 9.00 -6.19 -31.21
N ILE B 168 8.18 -5.17 -31.01
CA ILE B 168 8.27 -3.97 -31.85
C ILE B 168 9.45 -3.10 -31.43
N ASP B 169 9.72 -3.03 -30.12
CA ASP B 169 10.87 -2.27 -29.65
C ASP B 169 12.18 -2.92 -30.13
N ARG B 170 12.21 -4.24 -30.21
CA ARG B 170 13.42 -4.92 -30.69
C ARG B 170 13.63 -4.70 -32.18
N ALA B 171 12.55 -4.49 -32.94
CA ALA B 171 12.68 -4.34 -34.39
C ALA B 171 13.24 -2.97 -34.77
N GLY B 172 13.01 -1.96 -33.94
CA GLY B 172 13.57 -0.64 -34.21
C GLY B 172 12.62 0.24 -35.01
N ALA B 173 13.20 1.31 -35.54
CA ALA B 173 12.41 2.36 -36.17
C ALA B 173 11.73 1.90 -37.46
N GLU B 174 12.26 0.87 -38.12
CA GLU B 174 11.64 0.40 -39.36
C GLU B 174 10.20 -0.03 -39.11
N VAL B 175 9.96 -0.70 -37.98
CA VAL B 175 8.61 -1.13 -37.62
C VAL B 175 7.91 -0.07 -36.77
N LYS B 176 8.63 0.53 -35.82
CA LYS B 176 8.00 1.52 -34.94
C LYS B 176 7.38 2.66 -35.74
N SER B 177 8.06 3.10 -36.79
CA SER B 177 7.55 4.20 -37.61
C SER B 177 6.25 3.84 -38.32
N ARG B 178 5.96 2.55 -38.45
CA ARG B 178 4.72 2.08 -39.06
C ARG B 178 3.81 1.42 -38.03
N THR B 179 3.95 1.79 -36.76
CA THR B 179 3.11 1.31 -35.68
C THR B 179 2.47 2.51 -35.00
N THR B 180 1.17 2.43 -34.77
CA THR B 180 0.41 3.50 -34.12
C THR B 180 0.09 3.12 -32.69
N LEU B 181 0.44 3.99 -31.75
CA LEU B 181 -0.01 3.90 -30.37
C LEU B 181 -1.13 4.93 -30.21
N PHE B 182 -2.35 4.45 -30.02
CA PHE B 182 -3.55 5.24 -30.23
C PHE B 182 -4.06 5.81 -28.90
N ARG B 183 -4.04 7.14 -28.77
CA ARG B 183 -4.54 7.78 -27.56
C ARG B 183 -4.95 9.23 -27.78
N LYS B 184 -4.34 9.91 -28.75
CA LYS B 184 -4.48 11.34 -28.89
C LYS B 184 -5.11 11.70 -30.24
N ILE B 185 -5.59 12.95 -30.31
CA ILE B 185 -6.15 13.48 -31.55
C ILE B 185 -5.23 13.17 -32.73
N GLY B 186 -3.93 13.38 -32.55
CA GLY B 186 -2.99 13.16 -33.63
C GLY B 186 -2.96 11.71 -34.10
N ASP B 187 -3.21 10.77 -33.21
CA ASP B 187 -3.27 9.36 -33.61
C ASP B 187 -4.52 9.10 -34.45
N PHE B 188 -5.64 9.72 -34.08
CA PHE B 188 -6.86 9.56 -34.87
C PHE B 188 -6.67 10.08 -36.29
N ARG B 189 -6.03 11.24 -36.44
CA ARG B 189 -5.86 11.83 -37.76
C ARG B 189 -4.88 11.02 -38.60
N SER B 190 -3.77 10.59 -38.00
CA SER B 190 -2.78 9.83 -38.77
C SER B 190 -3.33 8.47 -39.18
N LEU B 191 -4.07 7.81 -38.29
CA LEU B 191 -4.61 6.49 -38.63
C LEU B 191 -5.75 6.59 -39.63
N GLU B 192 -6.58 7.63 -39.53
CA GLU B 192 -7.63 7.83 -40.52
C GLU B 192 -7.00 8.03 -41.90
N LYS B 193 -5.90 8.78 -41.97
CA LYS B 193 -5.20 8.95 -43.24
C LYS B 193 -4.66 7.62 -43.75
N ILE B 194 -4.09 6.82 -42.85
CA ILE B 194 -3.48 5.55 -43.27
C ILE B 194 -4.55 4.57 -43.72
N SER B 195 -5.71 4.55 -43.06
CA SER B 195 -6.77 3.65 -43.46
C SER B 195 -7.27 3.96 -44.88
N ARG B 196 -7.04 5.17 -45.38
CA ARG B 196 -7.46 5.57 -46.70
C ARG B 196 -6.39 5.33 -47.77
N GLU B 197 -5.21 4.82 -47.40
CA GLU B 197 -4.12 4.72 -48.36
C GLU B 197 -3.33 3.42 -48.25
N VAL B 198 -3.67 2.51 -47.34
CA VAL B 198 -3.02 1.20 -47.26
C VAL B 198 -4.09 0.13 -47.46
N LYS B 199 -3.62 -1.07 -47.80
CA LYS B 199 -4.51 -2.18 -48.10
C LYS B 199 -4.76 -3.11 -46.93
N SER B 200 -3.93 -3.07 -45.89
CA SER B 200 -4.05 -4.01 -44.79
C SER B 200 -3.55 -3.39 -43.50
N ILE B 201 -4.38 -3.43 -42.46
CA ILE B 201 -4.03 -2.92 -41.14
C ILE B 201 -4.26 -4.04 -40.13
N THR B 202 -3.28 -4.24 -39.24
CA THR B 202 -3.38 -5.23 -38.17
C THR B 202 -3.47 -4.51 -36.83
N ILE B 203 -4.41 -4.96 -36.00
CA ILE B 203 -4.58 -4.44 -34.65
C ILE B 203 -4.10 -5.53 -33.69
N ILE B 204 -3.13 -5.19 -32.87
CA ILE B 204 -2.61 -6.09 -31.84
C ILE B 204 -3.24 -5.68 -30.52
N GLY B 205 -4.02 -6.58 -29.93
CA GLY B 205 -4.73 -6.30 -28.70
C GLY B 205 -6.20 -6.63 -28.80
N GLY B 206 -6.74 -7.29 -27.79
CA GLY B 206 -8.14 -7.70 -27.77
C GLY B 206 -9.01 -6.97 -26.77
N GLY B 207 -8.51 -5.94 -26.12
CA GLY B 207 -9.30 -5.17 -25.17
C GLY B 207 -10.26 -4.24 -25.86
N PHE B 208 -10.80 -3.31 -25.08
CA PHE B 208 -11.83 -2.40 -25.60
C PHE B 208 -11.27 -1.55 -26.75
N LEU B 209 -10.02 -1.12 -26.64
CA LEU B 209 -9.48 -0.20 -27.63
C LEU B 209 -9.21 -0.90 -28.95
N GLY B 210 -8.47 -2.01 -28.91
CA GLY B 210 -8.25 -2.77 -30.13
C GLY B 210 -9.55 -3.23 -30.77
N SER B 211 -10.52 -3.64 -29.95
CA SER B 211 -11.78 -4.13 -30.48
C SER B 211 -12.58 -3.00 -31.12
N GLU B 212 -12.67 -1.85 -30.43
CA GLU B 212 -13.40 -0.72 -30.99
C GLU B 212 -12.76 -0.25 -32.30
N LEU B 213 -11.43 -0.14 -32.32
CA LEU B 213 -10.75 0.27 -33.55
C LEU B 213 -10.93 -0.78 -34.65
N ALA B 214 -10.98 -2.05 -34.29
CA ALA B 214 -11.21 -3.09 -35.30
C ALA B 214 -12.58 -2.91 -35.95
N CYS B 215 -13.60 -2.54 -35.16
CA CYS B 215 -14.93 -2.33 -35.72
C CYS B 215 -14.96 -1.09 -36.59
N ALA B 216 -14.36 0.01 -36.13
CA ALA B 216 -14.34 1.23 -36.92
C ALA B 216 -13.61 1.04 -38.24
N LEU B 217 -12.39 0.50 -38.18
CA LEU B 217 -11.63 0.28 -39.40
C LEU B 217 -12.31 -0.75 -40.30
N GLY B 218 -12.93 -1.76 -39.71
CA GLY B 218 -13.62 -2.76 -40.51
C GLY B 218 -14.79 -2.18 -41.29
N ARG B 219 -15.51 -1.23 -40.68
CA ARG B 219 -16.59 -0.56 -41.40
C ARG B 219 -16.04 0.28 -42.55
N LYS B 220 -14.98 1.05 -42.29
CA LYS B 220 -14.36 1.83 -43.35
C LYS B 220 -13.80 0.94 -44.45
N ALA B 221 -13.28 -0.24 -44.08
CA ALA B 221 -12.65 -1.13 -45.05
C ALA B 221 -13.67 -1.77 -46.00
N ARG B 222 -14.95 -1.79 -45.63
CA ARG B 222 -15.95 -2.44 -46.47
C ARG B 222 -16.33 -1.61 -47.70
N ALA B 223 -15.74 -0.43 -47.87
CA ALA B 223 -15.97 0.38 -49.06
C ALA B 223 -15.04 -0.02 -50.20
N LEU B 224 -13.74 -0.15 -49.92
CA LEU B 224 -12.75 -0.53 -50.91
C LEU B 224 -12.25 -1.96 -50.72
N GLY B 225 -12.98 -2.77 -49.95
CA GLY B 225 -12.61 -4.16 -49.76
C GLY B 225 -11.22 -4.35 -49.18
N THR B 226 -10.72 -3.38 -48.41
CA THR B 226 -9.41 -3.53 -47.80
C THR B 226 -9.49 -4.54 -46.65
N GLU B 227 -8.34 -4.81 -46.04
CA GLU B 227 -8.21 -5.83 -45.02
C GLU B 227 -8.00 -5.20 -43.66
N VAL B 228 -8.59 -5.81 -42.63
CA VAL B 228 -8.42 -5.39 -41.25
C VAL B 228 -8.27 -6.67 -40.41
N ILE B 229 -7.16 -6.77 -39.68
CA ILE B 229 -6.84 -7.97 -38.91
C ILE B 229 -6.70 -7.57 -37.45
N GLN B 230 -7.22 -8.42 -36.56
CA GLN B 230 -7.02 -8.26 -35.12
C GLN B 230 -6.50 -9.57 -34.55
N LEU B 231 -5.47 -9.49 -33.72
CA LEU B 231 -4.90 -10.66 -33.08
C LEU B 231 -4.54 -10.31 -31.64
N PHE B 232 -4.64 -11.31 -30.77
CA PHE B 232 -4.38 -11.12 -29.35
C PHE B 232 -4.14 -12.48 -28.71
N PRO B 233 -3.55 -12.52 -27.52
CA PRO B 233 -3.24 -13.83 -26.91
C PRO B 233 -4.47 -14.53 -26.35
N GLU B 234 -5.51 -13.80 -25.98
CA GLU B 234 -6.64 -14.40 -25.29
C GLU B 234 -7.49 -15.22 -26.27
N LYS B 235 -8.49 -15.92 -25.71
CA LYS B 235 -9.36 -16.76 -26.53
C LYS B 235 -10.32 -15.93 -27.37
N GLY B 236 -10.65 -14.72 -26.93
CA GLY B 236 -11.62 -13.90 -27.65
C GLY B 236 -11.56 -12.47 -27.19
N ASN B 237 -12.28 -11.62 -27.91
CA ASN B 237 -12.29 -10.20 -27.60
C ASN B 237 -12.82 -9.97 -26.19
N MET B 238 -12.25 -8.96 -25.52
CA MET B 238 -12.66 -8.60 -24.16
C MET B 238 -12.49 -9.76 -23.20
N GLY B 239 -11.51 -10.63 -23.47
CA GLY B 239 -11.32 -11.82 -22.67
C GLY B 239 -10.99 -11.55 -21.21
N LYS B 240 -10.53 -10.33 -20.90
CA LYS B 240 -10.13 -10.00 -19.55
C LYS B 240 -11.28 -9.53 -18.67
N ILE B 241 -12.38 -9.05 -19.24
CA ILE B 241 -13.51 -8.58 -18.46
C ILE B 241 -14.75 -9.46 -18.61
N LEU B 242 -14.91 -10.16 -19.77
CA LEU B 242 -16.14 -10.91 -20.00
C LEU B 242 -15.94 -12.41 -19.78
N PRO B 243 -16.99 -13.13 -19.40
CA PRO B 243 -16.89 -14.59 -19.31
C PRO B 243 -16.57 -15.20 -20.66
N GLU B 244 -15.97 -16.39 -20.62
CA GLU B 244 -15.48 -17.03 -21.84
C GLU B 244 -16.59 -17.12 -22.89
N TYR B 245 -17.74 -17.68 -22.52
CA TYR B 245 -18.82 -17.86 -23.49
C TYR B 245 -19.22 -16.54 -24.12
N LEU B 246 -19.24 -15.46 -23.35
CA LEU B 246 -19.65 -14.16 -23.87
C LEU B 246 -18.53 -13.50 -24.66
N SER B 247 -17.28 -13.69 -24.26
CA SER B 247 -16.16 -13.22 -25.05
C SER B 247 -16.16 -13.88 -26.44
N ASN B 248 -16.45 -15.17 -26.49
CA ASN B 248 -16.49 -15.86 -27.78
C ASN B 248 -17.62 -15.33 -28.64
N TRP B 249 -18.81 -15.17 -28.06
CA TRP B 249 -19.92 -14.57 -28.78
C TRP B 249 -19.56 -13.18 -29.29
N THR B 250 -18.87 -12.39 -28.48
CA THR B 250 -18.46 -11.06 -28.90
C THR B 250 -17.46 -11.12 -30.05
N MET B 251 -16.58 -12.12 -30.03
CA MET B 251 -15.61 -12.27 -31.12
C MET B 251 -16.32 -12.54 -32.44
N GLU B 252 -17.38 -13.34 -32.42
CA GLU B 252 -18.12 -13.60 -33.65
C GLU B 252 -18.77 -12.33 -34.17
N LYS B 253 -19.28 -11.48 -33.26
CA LYS B 253 -19.88 -10.22 -33.69
C LYS B 253 -18.83 -9.29 -34.28
N VAL B 254 -17.63 -9.25 -33.69
CA VAL B 254 -16.55 -8.44 -34.26
C VAL B 254 -16.19 -8.95 -35.64
N ARG B 255 -16.08 -10.26 -35.81
CA ARG B 255 -15.78 -10.82 -37.11
C ARG B 255 -16.83 -10.42 -38.14
N ARG B 256 -18.09 -10.29 -37.73
CA ARG B 256 -19.16 -9.91 -38.63
C ARG B 256 -19.14 -8.43 -39.01
N GLU B 257 -18.19 -7.64 -38.50
CA GLU B 257 -18.03 -6.25 -38.91
C GLU B 257 -16.94 -6.07 -39.96
N GLY B 258 -16.37 -7.17 -40.45
CA GLY B 258 -15.36 -7.11 -41.49
C GLY B 258 -13.95 -7.21 -40.96
N VAL B 259 -13.76 -8.02 -39.92
CA VAL B 259 -12.48 -8.12 -39.22
C VAL B 259 -12.06 -9.58 -39.21
N LYS B 260 -10.81 -9.83 -39.61
CA LYS B 260 -10.20 -11.15 -39.48
C LYS B 260 -9.56 -11.23 -38.09
N VAL B 261 -10.17 -11.99 -37.20
CA VAL B 261 -9.75 -12.06 -35.81
C VAL B 261 -8.98 -13.35 -35.58
N MET B 262 -7.82 -13.25 -34.95
CA MET B 262 -6.92 -14.38 -34.71
C MET B 262 -6.66 -14.49 -33.21
N PRO B 263 -7.45 -15.27 -32.47
CA PRO B 263 -7.19 -15.45 -31.04
C PRO B 263 -5.98 -16.35 -30.82
N ASN B 264 -5.56 -16.41 -29.55
CA ASN B 264 -4.45 -17.27 -29.14
C ASN B 264 -3.20 -16.97 -29.94
N ALA B 265 -2.98 -15.70 -30.25
CA ALA B 265 -1.85 -15.26 -31.06
C ALA B 265 -0.88 -14.50 -30.17
N ILE B 266 0.31 -15.06 -29.98
CA ILE B 266 1.39 -14.41 -29.24
C ILE B 266 2.44 -13.98 -30.25
N VAL B 267 2.77 -12.70 -30.26
CA VAL B 267 3.75 -12.17 -31.20
C VAL B 267 5.14 -12.57 -30.76
N GLN B 268 5.88 -13.22 -31.66
CA GLN B 268 7.28 -13.58 -31.42
C GLN B 268 8.26 -12.57 -31.98
N SER B 269 8.01 -12.09 -33.20
CA SER B 269 8.91 -11.14 -33.83
C SER B 269 8.13 -10.36 -34.90
N VAL B 270 8.69 -9.21 -35.27
CA VAL B 270 8.11 -8.35 -36.30
C VAL B 270 9.25 -7.73 -37.09
N GLY B 271 9.21 -7.89 -38.42
CA GLY B 271 10.19 -7.28 -39.28
C GLY B 271 9.56 -6.81 -40.58
N VAL B 272 10.35 -6.09 -41.37
CA VAL B 272 9.94 -5.63 -42.69
C VAL B 272 10.46 -6.63 -43.72
N SER B 273 9.56 -7.09 -44.59
CA SER B 273 9.89 -8.08 -45.60
C SER B 273 9.25 -7.65 -46.91
N SER B 274 10.08 -7.27 -47.88
CA SER B 274 9.60 -6.85 -49.19
C SER B 274 8.69 -5.63 -49.09
N GLY B 275 9.06 -4.69 -48.23
CA GLY B 275 8.28 -3.49 -48.03
C GLY B 275 7.09 -3.61 -47.10
N LYS B 276 6.68 -4.84 -46.78
CA LYS B 276 5.55 -5.08 -45.90
C LYS B 276 6.02 -5.39 -44.49
N LEU B 277 5.10 -5.29 -43.54
CA LEU B 277 5.33 -5.74 -42.18
C LEU B 277 4.98 -7.22 -42.07
N LEU B 278 5.82 -7.97 -41.36
CA LEU B 278 5.66 -9.41 -41.25
C LEU B 278 5.70 -9.79 -39.77
N ILE B 279 4.54 -10.15 -39.22
CA ILE B 279 4.45 -10.59 -37.83
C ILE B 279 4.56 -12.10 -37.78
N LYS B 280 5.43 -12.61 -36.91
CA LYS B 280 5.58 -14.03 -36.66
C LYS B 280 5.03 -14.36 -35.29
N LEU B 281 4.12 -15.33 -35.24
CA LEU B 281 3.52 -15.78 -33.99
C LEU B 281 4.23 -17.02 -33.48
N LYS B 282 4.24 -17.19 -32.16
CA LYS B 282 4.97 -18.29 -31.55
C LYS B 282 4.44 -19.65 -31.96
N ASP B 283 3.23 -19.71 -32.53
CA ASP B 283 2.66 -20.98 -32.98
C ASP B 283 2.97 -21.27 -34.45
N GLY B 284 3.75 -20.43 -35.11
CA GLY B 284 4.23 -20.68 -36.45
C GLY B 284 3.56 -19.84 -37.53
N ARG B 285 2.40 -19.25 -37.24
CA ARG B 285 1.68 -18.52 -38.25
C ARG B 285 2.35 -17.19 -38.58
N LYS B 286 2.10 -16.71 -39.79
CA LYS B 286 2.62 -15.45 -40.28
C LYS B 286 1.48 -14.53 -40.67
N VAL B 287 1.72 -13.22 -40.59
CA VAL B 287 0.75 -12.21 -41.01
C VAL B 287 1.51 -11.09 -41.70
N GLU B 288 1.14 -10.80 -42.94
CA GLU B 288 1.71 -9.69 -43.70
C GLU B 288 0.70 -8.55 -43.76
N THR B 289 1.15 -7.35 -43.41
CA THR B 289 0.29 -6.18 -43.44
C THR B 289 1.11 -4.94 -43.78
N ASP B 290 0.41 -3.82 -43.92
CA ASP B 290 1.03 -2.55 -44.25
C ASP B 290 1.21 -1.63 -43.06
N HIS B 291 0.45 -1.84 -41.98
CA HIS B 291 0.50 -0.95 -40.83
C HIS B 291 -0.02 -1.70 -39.62
N ILE B 292 0.51 -1.37 -38.45
CA ILE B 292 0.12 -2.00 -37.19
C ILE B 292 -0.44 -0.94 -36.25
N VAL B 293 -1.49 -1.32 -35.51
CA VAL B 293 -2.00 -0.54 -34.39
C VAL B 293 -1.84 -1.41 -33.14
N ALA B 294 -1.03 -0.93 -32.19
CA ALA B 294 -0.74 -1.68 -30.97
C ALA B 294 -1.57 -1.09 -29.83
N ALA B 295 -2.56 -1.86 -29.38
CA ALA B 295 -3.42 -1.49 -28.25
C ALA B 295 -3.23 -2.57 -27.19
N VAL B 296 -2.10 -2.50 -26.47
CA VAL B 296 -1.71 -3.55 -25.54
C VAL B 296 -1.57 -2.99 -24.14
N GLY B 297 -2.41 -2.04 -23.78
CA GLY B 297 -2.51 -1.55 -22.42
C GLY B 297 -1.87 -0.18 -22.25
N LEU B 298 -1.93 0.30 -21.01
CA LEU B 298 -1.52 1.63 -20.64
C LEU B 298 -0.49 1.58 -19.52
N GLU B 299 0.49 2.48 -19.58
CA GLU B 299 1.45 2.63 -18.51
C GLU B 299 1.13 3.92 -17.75
N PRO B 300 0.72 3.86 -16.48
CA PRO B 300 0.44 5.10 -15.76
C PRO B 300 1.67 6.00 -15.68
N ASN B 301 1.45 7.30 -15.77
CA ASN B 301 2.53 8.28 -15.82
C ASN B 301 2.90 8.66 -14.39
N VAL B 302 3.85 7.92 -13.82
CA VAL B 302 4.24 8.06 -12.43
C VAL B 302 5.67 8.59 -12.29
N GLU B 303 6.20 9.25 -13.33
CA GLU B 303 7.58 9.71 -13.28
C GLU B 303 7.79 10.72 -12.15
N LEU B 304 6.79 11.53 -11.83
CA LEU B 304 6.93 12.52 -10.78
C LEU B 304 7.01 11.91 -9.39
N ALA B 305 6.81 10.60 -9.25
CA ALA B 305 6.88 9.97 -7.93
C ALA B 305 8.30 9.92 -7.39
N LYS B 306 9.32 9.94 -8.26
CA LYS B 306 10.70 9.85 -7.78
C LYS B 306 11.10 11.12 -7.05
N THR B 307 11.10 12.27 -7.74
CA THR B 307 11.47 13.52 -7.09
C THR B 307 10.47 13.90 -6.01
N GLY B 308 9.22 13.46 -6.13
CA GLY B 308 8.23 13.76 -5.11
C GLY B 308 8.25 12.84 -3.91
N GLY B 309 8.99 11.73 -3.98
CA GLY B 309 8.95 10.77 -2.89
C GLY B 309 7.57 10.21 -2.65
N LEU B 310 6.82 9.96 -3.71
CA LEU B 310 5.45 9.44 -3.62
C LEU B 310 5.45 7.94 -3.83
N GLU B 311 4.58 7.25 -3.09
CA GLU B 311 4.51 5.80 -3.18
C GLU B 311 3.81 5.37 -4.46
N ILE B 312 4.39 4.37 -5.12
CA ILE B 312 3.79 3.74 -6.30
C ILE B 312 3.27 2.37 -5.87
N ASP B 313 2.09 2.00 -6.38
CA ASP B 313 1.49 0.73 -6.02
C ASP B 313 2.11 -0.38 -6.85
N SER B 314 2.71 -1.37 -6.17
CA SER B 314 3.40 -2.43 -6.86
C SER B 314 2.46 -3.43 -7.51
N ASP B 315 1.24 -3.56 -7.02
CA ASP B 315 0.27 -4.53 -7.56
C ASP B 315 -0.51 -3.96 -8.74
N PHE B 316 -1.01 -2.73 -8.62
CA PHE B 316 -1.86 -2.15 -9.64
C PHE B 316 -1.17 -1.10 -10.49
N GLY B 317 -0.01 -0.59 -10.06
CA GLY B 317 0.60 0.54 -10.71
C GLY B 317 -0.10 1.84 -10.33
N GLY B 318 0.54 2.95 -10.69
CA GLY B 318 0.01 4.26 -10.40
C GLY B 318 0.37 4.73 -9.00
N PHE B 319 -0.01 5.98 -8.71
CA PHE B 319 0.19 6.55 -7.39
C PHE B 319 -0.75 5.92 -6.37
N ARG B 320 -0.22 5.55 -5.21
CA ARG B 320 -1.04 4.97 -4.15
C ARG B 320 -1.62 6.10 -3.31
N VAL B 321 -2.95 6.18 -3.28
CA VAL B 321 -3.67 7.20 -2.53
C VAL B 321 -4.77 6.50 -1.72
N ASN B 322 -5.32 7.22 -0.75
CA ASN B 322 -6.33 6.66 0.13
C ASN B 322 -7.72 6.83 -0.47
N ALA B 323 -8.76 6.58 0.34
CA ALA B 323 -10.13 6.65 -0.17
C ALA B 323 -10.50 8.05 -0.59
N GLU B 324 -9.91 9.08 0.03
CA GLU B 324 -10.15 10.46 -0.35
C GLU B 324 -9.28 10.91 -1.50
N LEU B 325 -8.54 10.00 -2.14
CA LEU B 325 -7.65 10.28 -3.26
C LEU B 325 -6.43 11.10 -2.86
N GLN B 326 -6.10 11.12 -1.58
CA GLN B 326 -4.99 11.93 -1.08
C GLN B 326 -3.73 11.10 -0.97
N ALA B 327 -2.63 11.65 -1.48
CA ALA B 327 -1.31 11.04 -1.35
C ALA B 327 -0.54 11.60 -0.16
N ARG B 328 -0.49 12.93 -0.06
CA ARG B 328 0.20 13.62 1.02
C ARG B 328 -0.58 14.89 1.33
N SER B 329 -0.14 15.58 2.38
CA SER B 329 -0.72 16.89 2.67
C SER B 329 -0.68 17.77 1.43
N ASN B 330 -1.84 18.25 1.00
CA ASN B 330 -1.99 19.20 -0.10
C ASN B 330 -1.76 18.57 -1.47
N ILE B 331 -1.77 17.25 -1.59
CA ILE B 331 -1.55 16.58 -2.87
C ILE B 331 -2.55 15.44 -3.02
N TRP B 332 -3.29 15.46 -4.14
CA TRP B 332 -4.24 14.42 -4.49
C TRP B 332 -3.89 13.85 -5.86
N VAL B 333 -4.46 12.69 -6.17
CA VAL B 333 -4.27 12.04 -7.46
C VAL B 333 -5.61 11.50 -7.94
N ALA B 334 -5.87 11.63 -9.24
CA ALA B 334 -7.14 11.19 -9.82
C ALA B 334 -6.89 10.66 -11.22
N GLY B 335 -7.89 9.93 -11.73
CA GLY B 335 -7.83 9.41 -13.08
C GLY B 335 -7.13 8.07 -13.19
N ASP B 336 -6.66 7.79 -14.40
CA ASP B 336 -6.01 6.51 -14.68
C ASP B 336 -4.77 6.29 -13.83
N ALA B 337 -4.13 7.37 -13.38
CA ALA B 337 -2.88 7.23 -12.62
C ALA B 337 -3.10 6.99 -11.14
N ALA B 338 -4.35 6.94 -10.67
CA ALA B 338 -4.66 6.92 -9.24
C ALA B 338 -5.04 5.51 -8.81
N CYS B 339 -4.21 4.90 -7.99
CA CYS B 339 -4.58 3.66 -7.29
C CYS B 339 -5.13 4.06 -5.92
N PHE B 340 -6.44 3.89 -5.76
CA PHE B 340 -7.16 4.38 -4.60
C PHE B 340 -7.81 3.23 -3.85
N TYR B 341 -8.28 3.52 -2.63
CA TYR B 341 -8.95 2.54 -1.80
C TYR B 341 -10.46 2.74 -1.89
N ASP B 342 -11.15 1.69 -2.34
CA ASP B 342 -12.61 1.66 -2.35
C ASP B 342 -13.06 1.00 -1.06
N ILE B 343 -13.75 1.77 -0.20
CA ILE B 343 -14.12 1.25 1.11
C ILE B 343 -15.03 0.04 0.98
N LYS B 344 -15.78 -0.05 -0.11
CA LYS B 344 -16.68 -1.19 -0.32
C LYS B 344 -16.00 -2.34 -1.07
N LEU B 345 -15.20 -2.03 -2.09
CA LEU B 345 -14.69 -3.05 -3.00
C LEU B 345 -13.20 -3.34 -2.85
N GLY B 346 -12.45 -2.51 -2.13
CA GLY B 346 -11.02 -2.72 -1.96
C GLY B 346 -10.19 -1.78 -2.81
N ARG B 347 -8.89 -2.02 -2.80
CA ARG B 347 -7.96 -1.18 -3.54
C ARG B 347 -8.06 -1.46 -5.04
N ARG B 348 -8.07 -0.40 -5.83
CA ARG B 348 -8.31 -0.50 -7.27
C ARG B 348 -7.54 0.59 -8.00
N ARG B 349 -7.39 0.39 -9.31
CA ARG B 349 -7.04 1.45 -10.24
C ARG B 349 -7.90 1.26 -11.48
N VAL B 350 -8.58 2.32 -11.90
CA VAL B 350 -9.60 2.25 -12.95
C VAL B 350 -9.21 3.20 -14.07
N GLU B 351 -9.20 2.68 -15.30
CA GLU B 351 -8.83 3.44 -16.49
C GLU B 351 -10.07 3.61 -17.37
N HIS B 352 -11.00 4.45 -16.94
CA HIS B 352 -12.22 4.68 -17.70
C HIS B 352 -12.61 6.14 -17.63
N HIS B 353 -13.27 6.59 -18.69
CA HIS B 353 -13.63 8.01 -18.82
C HIS B 353 -14.46 8.49 -17.63
N ASP B 354 -15.56 7.80 -17.33
CA ASP B 354 -16.43 8.26 -16.25
C ASP B 354 -15.72 8.22 -14.91
N HIS B 355 -14.77 7.31 -14.73
CA HIS B 355 -14.01 7.31 -13.49
C HIS B 355 -13.10 8.53 -13.40
N ALA B 356 -12.49 8.93 -14.51
CA ALA B 356 -11.70 10.16 -14.53
C ALA B 356 -12.56 11.36 -14.13
N VAL B 357 -13.80 11.39 -14.62
CA VAL B 357 -14.71 12.47 -14.24
C VAL B 357 -15.06 12.37 -12.76
N VAL B 358 -15.45 11.17 -12.31
CA VAL B 358 -15.92 11.01 -10.93
C VAL B 358 -14.79 11.28 -9.94
N SER B 359 -13.61 10.71 -10.19
CA SER B 359 -12.50 10.90 -9.26
C SER B 359 -11.95 12.32 -9.35
N GLY B 360 -11.90 12.88 -10.56
CA GLY B 360 -11.51 14.28 -10.70
C GLY B 360 -12.43 15.20 -9.94
N ARG B 361 -13.74 15.01 -10.10
CA ARG B 361 -14.71 15.78 -9.33
C ARG B 361 -14.46 15.62 -7.83
N LEU B 362 -14.25 14.38 -7.37
CA LEU B 362 -14.01 14.15 -5.95
C LEU B 362 -12.75 14.87 -5.47
N ALA B 363 -11.67 14.76 -6.25
CA ALA B 363 -10.42 15.41 -5.86
C ALA B 363 -10.60 16.91 -5.68
N GLY B 364 -11.29 17.55 -6.62
CA GLY B 364 -11.53 18.98 -6.50
C GLY B 364 -12.34 19.33 -5.27
N GLU B 365 -13.30 18.48 -4.91
CA GLU B 365 -14.06 18.69 -3.68
C GLU B 365 -13.16 18.58 -2.45
N ASN B 366 -12.23 17.63 -2.47
CA ASN B 366 -11.35 17.44 -1.32
C ASN B 366 -10.23 18.47 -1.28
N MET B 367 -9.80 18.98 -2.43
CA MET B 367 -8.87 20.10 -2.44
C MET B 367 -9.49 21.35 -1.85
N THR B 368 -10.82 21.39 -1.72
CA THR B 368 -11.52 22.50 -1.07
C THR B 368 -12.19 22.06 0.23
N GLY B 369 -11.67 21.01 0.87
CA GLY B 369 -12.01 20.69 2.24
C GLY B 369 -13.17 19.74 2.45
N ALA B 370 -13.61 19.03 1.41
CA ALA B 370 -14.78 18.16 1.57
C ALA B 370 -14.46 16.92 2.42
N ALA B 371 -13.22 16.41 2.36
CA ALA B 371 -12.82 15.25 3.15
C ALA B 371 -13.73 14.06 2.86
N LYS B 372 -14.01 13.83 1.58
CA LYS B 372 -15.01 12.86 1.16
C LYS B 372 -14.35 11.65 0.54
N PRO B 373 -14.71 10.43 0.95
CA PRO B 373 -14.17 9.24 0.29
C PRO B 373 -14.94 8.90 -0.98
N TYR B 374 -14.24 8.22 -1.90
CA TYR B 374 -14.88 7.67 -3.09
C TYR B 374 -16.16 6.95 -2.68
N TRP B 375 -17.28 7.40 -3.23
CA TRP B 375 -18.59 6.97 -2.75
C TRP B 375 -19.52 6.59 -3.89
N HIS B 376 -19.38 7.27 -5.04
CA HIS B 376 -20.20 7.01 -6.21
C HIS B 376 -19.41 6.12 -7.18
N GLN B 377 -19.90 4.91 -7.40
CA GLN B 377 -19.23 3.98 -8.30
C GLN B 377 -19.30 4.49 -9.73
N SER B 378 -18.14 4.69 -10.34
CA SER B 378 -18.09 5.05 -11.74
C SER B 378 -18.44 3.84 -12.60
N MET B 379 -18.92 4.13 -13.81
CA MET B 379 -19.29 3.11 -14.79
C MET B 379 -18.44 3.28 -16.03
N PHE B 380 -18.51 2.28 -16.92
CA PHE B 380 -17.93 2.43 -18.25
C PHE B 380 -18.82 1.74 -19.26
N TRP B 381 -18.47 1.89 -20.54
CA TRP B 381 -19.32 1.43 -21.63
C TRP B 381 -18.43 1.18 -22.84
N SER B 382 -19.03 0.52 -23.84
CA SER B 382 -18.36 0.28 -25.10
C SER B 382 -19.40 -0.15 -26.11
N ASP B 383 -19.08 0.07 -27.38
CA ASP B 383 -19.94 -0.33 -28.49
C ASP B 383 -19.07 -0.97 -29.56
N LEU B 384 -19.34 -2.25 -29.84
CA LEU B 384 -18.60 -3.02 -30.84
C LEU B 384 -19.57 -3.36 -31.95
N GLY B 385 -19.75 -2.43 -32.89
CA GLY B 385 -20.71 -2.59 -33.94
C GLY B 385 -22.12 -2.29 -33.45
N PRO B 386 -23.12 -2.64 -34.27
CA PRO B 386 -24.50 -2.28 -33.93
C PRO B 386 -25.16 -3.25 -32.96
N ASP B 387 -24.70 -4.50 -32.94
CA ASP B 387 -25.32 -5.56 -32.16
C ASP B 387 -24.68 -5.75 -30.80
N VAL B 388 -23.64 -4.98 -30.45
CA VAL B 388 -22.94 -5.14 -29.19
C VAL B 388 -22.78 -3.76 -28.55
N GLY B 389 -23.53 -3.52 -27.50
CA GLY B 389 -23.38 -2.32 -26.70
C GLY B 389 -23.71 -2.63 -25.26
N TYR B 390 -22.84 -2.24 -24.33
CA TYR B 390 -23.03 -2.63 -22.94
C TYR B 390 -22.54 -1.52 -22.01
N GLU B 391 -22.99 -1.60 -20.76
CA GLU B 391 -22.52 -0.75 -19.68
C GLU B 391 -22.07 -1.65 -18.54
N ALA B 392 -21.17 -1.15 -17.71
CA ALA B 392 -20.58 -1.96 -16.66
C ALA B 392 -20.23 -1.09 -15.47
N ILE B 393 -20.19 -1.72 -14.29
CA ILE B 393 -19.94 -1.01 -13.03
C ILE B 393 -19.35 -2.01 -12.05
N GLY B 394 -18.37 -1.55 -11.27
CA GLY B 394 -17.79 -2.37 -10.22
C GLY B 394 -16.62 -3.22 -10.68
N LEU B 395 -16.38 -4.33 -9.98
CA LEU B 395 -15.26 -5.21 -10.28
C LEU B 395 -15.68 -6.17 -11.40
N VAL B 396 -15.58 -5.68 -12.64
CA VAL B 396 -15.86 -6.49 -13.82
C VAL B 396 -14.54 -7.13 -14.22
N ASP B 397 -14.39 -8.41 -13.90
CA ASP B 397 -13.12 -9.12 -14.07
C ASP B 397 -13.44 -10.57 -14.38
N SER B 398 -13.00 -11.04 -15.56
CA SER B 398 -13.36 -12.38 -16.02
C SER B 398 -12.87 -13.48 -15.09
N SER B 399 -11.93 -13.18 -14.19
CA SER B 399 -11.43 -14.22 -13.28
C SER B 399 -12.43 -14.55 -12.18
N LEU B 400 -13.40 -13.66 -11.93
CA LEU B 400 -14.38 -13.89 -10.87
C LEU B 400 -15.47 -14.84 -11.35
N PRO B 401 -16.11 -15.56 -10.44
CA PRO B 401 -17.30 -16.34 -10.81
C PRO B 401 -18.43 -15.40 -11.21
N THR B 402 -19.17 -15.78 -12.25
CA THR B 402 -20.22 -14.95 -12.80
C THR B 402 -21.51 -15.74 -12.94
N VAL B 403 -22.62 -15.01 -13.04
CA VAL B 403 -23.93 -15.57 -13.33
C VAL B 403 -24.58 -14.66 -14.36
N GLY B 404 -24.76 -15.17 -15.58
CA GLY B 404 -25.34 -14.38 -16.65
C GLY B 404 -26.76 -14.79 -16.98
N VAL B 405 -27.68 -13.83 -16.91
CA VAL B 405 -29.10 -14.08 -17.16
C VAL B 405 -29.45 -13.41 -18.49
N PHE B 406 -29.84 -14.22 -19.47
CA PHE B 406 -30.09 -13.76 -20.82
C PHE B 406 -31.51 -14.10 -21.25
N ALA B 407 -32.01 -13.33 -22.22
CA ALA B 407 -33.38 -13.47 -22.69
C ALA B 407 -33.46 -14.55 -23.77
N LYS B 408 -34.53 -15.33 -23.71
CA LYS B 408 -34.79 -16.36 -24.71
C LYS B 408 -36.09 -16.05 -25.46
N GLY B 455 -24.84 -20.44 -32.19
CA GLY B 455 -25.13 -21.07 -30.91
C GLY B 455 -26.21 -20.35 -30.13
N GLU B 456 -26.12 -20.42 -28.80
CA GLU B 456 -27.04 -19.68 -27.94
C GLU B 456 -26.88 -18.19 -28.18
N ASP B 457 -28.01 -17.49 -28.35
CA ASP B 457 -27.98 -16.04 -28.61
C ASP B 457 -27.83 -15.32 -27.28
N TYR B 458 -26.69 -14.68 -27.06
CA TYR B 458 -26.43 -13.87 -25.87
C TYR B 458 -26.63 -12.39 -26.17
N GLY B 459 -27.79 -12.06 -26.75
CA GLY B 459 -28.01 -10.72 -27.25
C GLY B 459 -28.50 -9.71 -26.24
N LYS B 460 -29.15 -10.17 -25.17
CA LYS B 460 -29.68 -9.28 -24.15
C LYS B 460 -29.66 -9.99 -22.81
N GLY B 461 -29.06 -9.35 -21.80
CA GLY B 461 -29.02 -9.94 -20.49
C GLY B 461 -28.24 -9.08 -19.51
N VAL B 462 -27.98 -9.66 -18.35
CA VAL B 462 -27.25 -9.01 -17.27
C VAL B 462 -26.34 -10.04 -16.62
N ILE B 463 -25.07 -9.70 -16.45
CA ILE B 463 -24.07 -10.62 -15.91
C ILE B 463 -23.60 -10.08 -14.57
N PHE B 464 -23.75 -10.89 -13.53
CA PHE B 464 -23.31 -10.54 -12.18
C PHE B 464 -21.94 -11.17 -11.91
N TYR B 465 -21.05 -10.39 -11.32
CA TYR B 465 -19.73 -10.85 -10.91
C TYR B 465 -19.71 -10.96 -9.39
N LEU B 466 -19.27 -12.12 -8.88
CA LEU B 466 -19.45 -12.47 -7.48
C LEU B 466 -18.11 -12.60 -6.76
N ARG B 467 -18.12 -12.22 -5.48
CA ARG B 467 -16.98 -12.44 -4.59
C ARG B 467 -17.53 -12.58 -3.19
N ASP B 468 -17.36 -13.77 -2.59
CA ASP B 468 -17.86 -14.05 -1.25
C ASP B 468 -19.38 -14.00 -1.21
N LYS B 469 -20.02 -14.44 -2.30
CA LYS B 469 -21.47 -14.51 -2.44
C LYS B 469 -22.13 -13.15 -2.62
N VAL B 470 -21.33 -12.10 -2.85
CA VAL B 470 -21.85 -10.74 -3.02
C VAL B 470 -21.55 -10.28 -4.44
N VAL B 471 -22.50 -9.56 -5.04
CA VAL B 471 -22.29 -8.98 -6.35
C VAL B 471 -21.32 -7.81 -6.21
N VAL B 472 -20.16 -7.92 -6.85
CA VAL B 472 -19.16 -6.86 -6.85
C VAL B 472 -19.05 -6.16 -8.20
N GLY B 473 -19.70 -6.67 -9.24
CA GLY B 473 -19.67 -6.04 -10.54
C GLY B 473 -20.81 -6.54 -11.39
N ILE B 474 -21.31 -5.65 -12.25
CA ILE B 474 -22.44 -5.96 -13.12
C ILE B 474 -22.14 -5.45 -14.52
N VAL B 475 -22.52 -6.25 -15.52
CA VAL B 475 -22.45 -5.85 -16.92
C VAL B 475 -23.86 -5.87 -17.48
N LEU B 476 -24.26 -4.76 -18.10
CA LEU B 476 -25.58 -4.62 -18.70
C LEU B 476 -25.40 -4.81 -20.21
N TRP B 477 -25.87 -5.96 -20.71
CA TRP B 477 -25.62 -6.41 -22.08
C TRP B 477 -26.81 -6.04 -22.95
N ASN B 478 -26.67 -4.96 -23.73
CA ASN B 478 -27.69 -4.51 -24.68
C ASN B 478 -29.00 -4.17 -24.01
N ILE B 479 -28.96 -3.83 -22.72
CA ILE B 479 -30.08 -3.21 -22.03
C ILE B 479 -29.60 -1.88 -21.49
N PHE B 480 -30.41 -0.84 -21.65
CA PHE B 480 -29.97 0.52 -21.40
C PHE B 480 -30.88 1.21 -20.39
N ASN B 481 -30.33 2.23 -19.73
CA ASN B 481 -31.02 2.99 -18.69
C ASN B 481 -31.30 2.14 -17.47
N ARG B 482 -30.43 1.16 -17.19
CA ARG B 482 -30.55 0.29 -16.04
C ARG B 482 -29.47 0.51 -15.00
N MET B 483 -28.52 1.41 -15.26
CA MET B 483 -27.41 1.58 -14.33
C MET B 483 -27.87 1.91 -12.91
N PRO B 484 -28.89 2.74 -12.68
CA PRO B 484 -29.34 2.96 -11.30
C PRO B 484 -29.69 1.67 -10.57
N ILE B 485 -30.29 0.71 -11.28
CA ILE B 485 -30.61 -0.57 -10.65
C ILE B 485 -29.33 -1.29 -10.23
N ALA B 486 -28.34 -1.31 -11.12
CA ALA B 486 -27.11 -2.04 -10.83
C ALA B 486 -26.33 -1.41 -9.69
N ARG B 487 -26.21 -0.09 -9.68
CA ARG B 487 -25.38 0.56 -8.65
C ARG B 487 -26.01 0.41 -7.26
N LYS B 488 -27.34 0.33 -7.18
CA LYS B 488 -27.96 0.05 -5.89
C LYS B 488 -27.65 -1.37 -5.41
N ILE B 489 -27.60 -2.32 -6.34
CA ILE B 489 -27.25 -3.69 -5.98
C ILE B 489 -25.82 -3.75 -5.43
N ILE B 490 -24.89 -3.07 -6.10
CA ILE B 490 -23.52 -3.04 -5.63
C ILE B 490 -23.43 -2.38 -4.26
N LYS B 491 -24.15 -1.26 -4.09
CA LYS B 491 -24.08 -0.50 -2.85
C LYS B 491 -24.61 -1.32 -1.68
N ASP B 492 -25.76 -1.97 -1.86
CA ASP B 492 -26.38 -2.71 -0.75
C ASP B 492 -25.49 -3.86 -0.30
N GLY B 493 -24.86 -4.57 -1.25
CA GLY B 493 -23.89 -5.58 -0.90
C GLY B 493 -24.45 -6.73 -0.09
N GLU B 494 -25.72 -7.08 -0.29
CA GLU B 494 -26.32 -8.21 0.41
C GLU B 494 -26.11 -9.49 -0.38
N GLN B 495 -26.06 -10.61 0.33
CA GLN B 495 -25.84 -11.91 -0.28
C GLN B 495 -27.17 -12.48 -0.74
N HIS B 496 -27.30 -12.71 -2.05
CA HIS B 496 -28.53 -13.21 -2.64
C HIS B 496 -28.43 -14.72 -2.85
N GLU B 497 -29.54 -15.41 -2.58
CA GLU B 497 -29.63 -16.85 -2.78
C GLU B 497 -30.23 -17.20 -4.14
N ASP B 498 -30.66 -16.21 -4.93
CA ASP B 498 -31.25 -16.47 -6.24
C ASP B 498 -31.06 -15.21 -7.07
N LEU B 499 -30.03 -15.21 -7.92
CA LEU B 499 -29.79 -14.08 -8.80
C LEU B 499 -30.79 -13.99 -9.95
N ASN B 500 -31.57 -15.05 -10.18
CA ASN B 500 -32.66 -14.94 -11.15
C ASN B 500 -33.76 -14.02 -10.65
N GLU B 501 -33.97 -13.96 -9.33
CA GLU B 501 -34.91 -13.01 -8.77
C GLU B 501 -34.39 -11.59 -8.89
N VAL B 502 -33.10 -11.39 -8.62
CA VAL B 502 -32.49 -10.07 -8.79
C VAL B 502 -32.57 -9.63 -10.24
N ALA B 503 -32.36 -10.55 -11.17
CA ALA B 503 -32.40 -10.20 -12.59
C ALA B 503 -33.76 -9.66 -13.00
N LYS B 504 -34.83 -10.09 -12.33
CA LYS B 504 -36.16 -9.60 -12.66
C LYS B 504 -36.24 -8.08 -12.60
N LEU B 505 -35.44 -7.46 -11.72
CA LEU B 505 -35.47 -6.00 -11.58
C LEU B 505 -35.02 -5.29 -12.86
N PHE B 506 -34.31 -5.98 -13.74
CA PHE B 506 -33.77 -5.36 -14.94
C PHE B 506 -34.70 -5.47 -16.15
N ASN B 507 -35.68 -6.36 -16.10
CA ASN B 507 -36.68 -6.48 -17.16
C ASN B 507 -36.01 -6.70 -18.51
N ILE B 508 -35.23 -7.77 -18.62
CA ILE B 508 -34.44 -7.99 -19.82
C ILE B 508 -35.30 -8.31 -21.03
N HIS B 509 -36.58 -8.63 -20.84
CA HIS B 509 -37.57 -8.62 -21.92
C HIS B 509 -38.26 -7.27 -21.88
N GLU B 510 -38.00 -6.44 -22.89
CA GLU B 510 -38.50 -5.06 -22.94
C GLU B 510 -39.89 -4.90 -22.33
N SER B 522 -36.70 -21.99 -20.42
CA SER B 522 -35.87 -21.49 -19.33
C SER B 522 -34.97 -22.60 -18.80
N TYR B 523 -33.65 -22.40 -18.86
CA TYR B 523 -32.70 -23.41 -18.40
C TYR B 523 -31.51 -22.74 -17.72
N CYS B 524 -30.65 -23.58 -17.14
CA CYS B 524 -29.46 -23.14 -16.43
C CYS B 524 -28.31 -24.09 -16.78
N ARG B 525 -27.14 -23.52 -17.08
CA ARG B 525 -25.97 -24.30 -17.48
C ARG B 525 -24.75 -23.78 -16.73
N GLN B 526 -24.09 -24.67 -15.98
CA GLN B 526 -22.82 -24.34 -15.33
C GLN B 526 -21.67 -24.71 -16.28
N GLU B 527 -20.91 -23.72 -16.70
CA GLU B 527 -19.70 -23.91 -17.51
C GLU B 527 -18.51 -23.46 -16.67
N GLY B 528 -18.11 -24.31 -15.73
CA GLY B 528 -17.01 -23.96 -14.84
C GLY B 528 -17.48 -23.08 -13.71
N LYS B 529 -16.82 -21.95 -13.52
CA LYS B 529 -17.22 -20.98 -12.50
C LYS B 529 -18.35 -20.08 -12.96
N ASP B 530 -18.74 -20.16 -14.23
CA ASP B 530 -19.75 -19.28 -14.81
C ASP B 530 -21.07 -20.03 -14.94
N ARG B 531 -22.15 -19.38 -14.51
CA ARG B 531 -23.50 -19.91 -14.66
C ARG B 531 -24.23 -19.11 -15.72
N ILE B 532 -24.96 -19.80 -16.59
CA ILE B 532 -25.67 -19.17 -17.70
C ILE B 532 -27.14 -19.57 -17.59
N ILE B 533 -27.98 -18.61 -17.20
CA ILE B 533 -29.42 -18.81 -17.06
C ILE B 533 -30.11 -18.12 -18.22
N PHE B 534 -31.01 -18.84 -18.90
CA PHE B 534 -31.85 -18.26 -19.94
C PHE B 534 -33.29 -18.24 -19.44
N VAL B 535 -33.99 -17.13 -19.67
CA VAL B 535 -35.32 -16.91 -19.11
C VAL B 535 -36.28 -16.48 -20.20
N THR B 536 -37.55 -16.87 -20.04
CA THR B 536 -38.61 -16.52 -20.99
C THR B 536 -39.52 -15.46 -20.39
N LYS B 537 -40.02 -14.59 -21.27
CA LYS B 537 -40.89 -13.49 -20.87
C LYS B 537 -42.08 -13.98 -20.07
PA FAD C . 1.01 -1.01 22.95
O1A FAD C . 2.15 -0.82 23.94
O2A FAD C . 0.57 -2.40 22.76
O5B FAD C . -0.17 -0.07 23.39
C5B FAD C . -1.52 -0.28 22.92
C4B FAD C . -2.45 -0.07 24.08
O4B FAD C . -3.76 0.20 23.52
C3B FAD C . -2.61 -1.37 24.87
O3B FAD C . -2.91 -0.97 26.20
C2B FAD C . -3.91 -1.95 24.31
O2B FAD C . -4.56 -2.62 25.38
C1B FAD C . -4.69 -0.66 24.12
N9A FAD C . -5.81 -0.81 23.17
C8A FAD C . -5.90 -1.68 22.12
N7A FAD C . -7.03 -1.58 21.45
C5A FAD C . -7.72 -0.59 22.11
C6A FAD C . -8.99 -0.01 21.91
N6A FAD C . -9.82 -0.37 20.93
N1A FAD C . -9.38 0.97 22.77
C2A FAD C . -8.55 1.33 23.75
N3A FAD C . -7.34 0.86 24.04
C4A FAD C . -6.98 -0.11 23.19
N1 FAD C . 11.23 -3.04 21.68
C2 FAD C . 12.50 -2.71 21.54
O2 FAD C . 12.89 -1.98 20.67
N3 FAD C . 13.51 -3.19 22.42
C4 FAD C . 13.19 -4.04 23.47
O4 FAD C . 14.07 -4.42 24.21
C4X FAD C . 11.79 -4.40 23.62
N5 FAD C . 11.46 -5.20 24.61
C5X FAD C . 10.13 -5.52 24.72
C6 FAD C . 9.70 -6.42 25.82
C7 FAD C . 8.38 -6.78 25.98
C7M FAD C . 7.99 -7.70 27.12
C8 FAD C . 7.37 -6.28 25.08
C8M FAD C . 5.92 -6.68 25.25
C9 FAD C . 7.70 -5.44 24.02
C9A FAD C . 9.13 -5.03 23.83
N10 FAD C . 9.57 -4.16 22.78
C10 FAD C . 10.86 -3.84 22.67
C1' FAD C . 8.56 -3.64 21.85
C2' FAD C . 7.87 -2.35 22.37
O2' FAD C . 7.59 -2.50 23.75
C3' FAD C . 6.57 -2.20 21.59
O3' FAD C . 6.90 -1.94 20.23
C4' FAD C . 5.77 -1.01 22.13
O4' FAD C . 5.17 -1.31 23.39
C5' FAD C . 4.71 -0.65 21.11
O5' FAD C . 3.83 0.52 21.68
P FAD C . 2.45 0.82 21.15
O1P FAD C . 2.57 0.75 19.63
O2P FAD C . 1.93 2.10 21.65
O3P FAD C . 1.48 -0.36 21.58
H51A FAD C . -1.64 -1.13 22.48
H52A FAD C . -1.74 0.29 22.16
H4B FAD C . -2.20 0.66 24.65
H3B FAD C . -1.86 -1.97 24.75
HO3A FAD C . -2.40 -1.33 26.77
H2B FAD C . -3.79 -2.48 23.50
HO2A FAD C . -5.33 -2.88 25.17
H1B FAD C . -5.02 -0.31 24.96
H8A FAD C . -5.23 -2.29 21.89
H61A FAD C . -10.53 0.04 20.59
H62A FAD C . -9.63 -1.15 20.55
H2A FAD C . -8.87 2.00 24.31
HN3 FAD C . 14.33 -2.96 22.32
H6 FAD C . 10.33 -6.77 26.42
HM71 FAD C . 8.67 -8.01 27.75
HM72 FAD C . 7.60 -8.57 26.94
HM73 FAD C . 7.35 -7.42 27.78
HM81 FAD C . 5.66 -7.56 25.57
HM82 FAD C . 5.29 -6.67 24.51
HM83 FAD C . 5.32 -6.20 25.86
H9 FAD C . 7.05 -5.12 23.44
H1'1 FAD C . 7.90 -4.32 21.63
H1'2 FAD C . 8.94 -3.51 20.96
H2' FAD C . 8.44 -1.56 22.24
HO2' FAD C . 7.87 -1.81 24.16
H3' FAD C . 6.04 -3.01 21.68
HO3' FAD C . 7.16 -1.13 20.17
H4' FAD C . 6.37 -0.25 22.27
HO4' FAD C . 5.69 -1.11 24.03
H5'1 FAD C . 4.18 -1.41 20.85
H5'2 FAD C . 5.09 -0.44 20.24
C1 EDO D . 10.13 12.63 11.70
O1 EDO D . 11.41 13.07 11.21
C2 EDO D . 10.31 11.38 12.55
O2 EDO D . 10.63 10.27 11.70
H11 EDO D . 9.48 12.41 10.86
H12 EDO D . 9.67 13.41 12.29
HO1 EDO D . 11.29 13.84 10.65
H21 EDO D . 9.39 11.17 13.10
H22 EDO D . 11.11 11.54 13.27
HO2 EDO D . 10.78 9.48 12.24
C1 EDO E . -2.04 5.41 0.78
O1 EDO E . -3.24 4.62 0.68
C2 EDO E . -1.22 4.90 1.95
O2 EDO E . -2.04 4.96 3.13
H11 EDO E . -1.46 5.31 -0.15
H12 EDO E . -2.29 6.46 0.91
HO1 EDO E . -3.79 4.96 -0.03
H21 EDO E . -0.33 5.52 2.09
H22 EDO E . -0.89 3.87 1.78
HO2 EDO E . -1.59 4.50 3.86
PA FAD F . -5.41 11.65 -19.65
O1A FAD F . -6.69 11.96 -20.42
O2A FAD F . -4.48 10.76 -20.30
O5B FAD F . -4.77 13.03 -19.23
C5B FAD F . -3.38 13.15 -18.87
C4B FAD F . -2.86 14.41 -19.51
O4B FAD F . -1.71 14.84 -18.73
C3B FAD F . -2.29 14.10 -20.90
O3B FAD F . -2.36 15.32 -21.64
C2B FAD F . -0.81 13.88 -20.62
O2B FAD F . -0.11 14.26 -21.79
C1B FAD F . -0.60 14.98 -19.58
N9A FAD F . 0.60 14.77 -18.77
C8A FAD F . 1.22 13.60 -18.44
N7A FAD F . 2.27 13.75 -17.68
C5A FAD F . 2.36 15.12 -17.50
C6A FAD F . 3.25 15.94 -16.77
N6A FAD F . 4.29 15.47 -16.09
N1A FAD F . 3.04 17.27 -16.80
C2A FAD F . 2.00 17.75 -17.49
N3A FAD F . 1.09 17.09 -18.20
C4A FAD F . 1.32 15.76 -18.16
N1 FAD F . -13.14 4.86 -21.30
C2 FAD F . -14.40 4.44 -21.18
O2 FAD F . -14.91 4.26 -20.10
N3 FAD F . -15.23 4.18 -22.30
C4 FAD F . -14.75 4.36 -23.58
O4 FAD F . -15.47 4.13 -24.52
C4X FAD F . -13.37 4.82 -23.71
N5 FAD F . -12.89 4.98 -24.92
C5X FAD F . -11.59 5.42 -25.01
C6 FAD F . -11.02 5.62 -26.37
C7 FAD F . -9.73 6.06 -26.54
C7M FAD F . -9.19 6.25 -27.95
C8 FAD F . -8.89 6.32 -25.40
C8M FAD F . -7.46 6.80 -25.59
C9 FAD F . -9.37 6.15 -24.10
C9A FAD F . -10.77 5.69 -23.88
N10 FAD F . -11.37 5.47 -22.60
C10 FAD F . -12.63 5.05 -22.50
C1' FAD F . -10.54 5.73 -21.40
C2' FAD F . -10.64 7.21 -20.93
O2' FAD F . -10.54 8.07 -22.06
C3' FAD F . -9.47 7.47 -20.00
O3' FAD F . -9.68 6.71 -18.81
C4' FAD F . -9.43 8.97 -19.64
O4' FAD F . -8.94 9.75 -20.73
C5' FAD F . -8.53 9.13 -18.42
O5' FAD F . -8.35 10.66 -18.11
P FAD F . -7.16 11.18 -17.34
O1P FAD F . -6.98 10.20 -16.17
O2P FAD F . -7.37 12.57 -16.93
O3P FAD F . -5.89 11.04 -18.25
H51A FAD F . -3.24 13.11 -17.92
H52A FAD F . -2.86 12.36 -19.11
H4B FAD F . -3.50 15.12 -19.54
H3B FAD F . -2.73 13.34 -21.31
HO3A FAD F . -3.02 15.80 -21.43
H2B FAD F . -0.60 12.99 -20.29
HO2A FAD F . 0.71 14.43 -21.63
H1B FAD F . -0.57 15.85 -20.00
H8A FAD F . 0.92 12.77 -18.73
H61A FAD F . 5.17 15.54 -16.24
H62A FAD F . 4.08 15.03 -15.35
H2A FAD F . 1.90 18.68 -17.48
HN3 FAD F . -16.04 3.91 -22.21
H6 FAD F . -11.53 5.47 -27.12
HM71 FAD F . -9.79 6.14 -28.72
HM72 FAD F . -8.47 5.69 -28.28
HM73 FAD F . -8.81 7.10 -28.21
HM81 FAD F . -6.88 6.95 -24.83
HM82 FAD F . -6.81 6.28 -26.08
HM83 FAD F . -7.25 7.64 -26.03
H9 FAD F . -8.83 6.32 -23.38
H1'1 FAD F . -10.76 5.11 -20.69
H1'2 FAD F . -9.62 5.48 -21.55
H2' FAD F . -11.49 7.37 -20.49
HO2' FAD F . -9.72 8.14 -22.25
H3' FAD F . -8.64 7.23 -20.42
H4' FAD F . -10.32 9.28 -19.43
HO4' FAD F . -8.14 9.53 -20.94
H5'1 FAD F . -7.68 8.67 -18.54
H5'2 FAD F . -8.86 8.64 -17.66
#